data_7PA1
#
_entry.id   7PA1
#
_cell.length_a   121.265
_cell.length_b   121.265
_cell.length_c   91.684
_cell.angle_alpha   90.000
_cell.angle_beta   90.000
_cell.angle_gamma   120.000
#
_symmetry.space_group_name_H-M   'P 65'
#
loop_
_entity.id
_entity.type
_entity.pdbx_description
1 polymer 'Ubiquitin-like protein SMT3,N-acetyl-D-glucosamine kinase'
2 non-polymer DI(HYDROXYETHYL)ETHER
3 non-polymer 'PHOSPHOAMINOPHOSPHONIC ACID-ADENYLATE ESTER'
4 non-polymer 'ZINC ION'
5 non-polymer 'TRIETHYLENE GLYCOL'
6 non-polymer 1,2-ETHANEDIOL
7 water water
#
_entity_poly.entity_id   1
_entity_poly.type   'polypeptide(L)'
_entity_poly.pdbx_seq_one_letter_code
;MAHHHHHHGSDSEVNQEAKPEVKPEVKPETHINLKVSDGSSEIFFKIKKTTPLRRLMEAFAKRQGKEMDSLRFLYDGIRI
QADQTPEDLDMEDNDIIEAHREQISSGLEVLFQGTMYYGFDIGGTKIEFGAFDADLVRVARERVATPTESYAAFLDAIVT
LVNNADAEFGVKGTVGIGIPGIADVETGKLLTSNIPAAMGHTLQRDLEERLQRPVKIENDANCFALSEAWDEDLRGEPSV
LGLILGTGVGGGLIFNGKVHSGRANIAGEIGHTRLPYDALKLLGMENAPIFPCGCKNSGCIDNYLSGRGFEQLYDHYFSE
KLSAPEIIAHYEQGERRAVQHVERFMELLAICLANIFTCLDPHVVVLGGGLSNFELIYQELPKRLPAHLLHVAKLPKIIK
ARHGDAGGVRGAAFLNL
;
_entity_poly.pdbx_strand_id   AAA,BBB
#
loop_
_chem_comp.id
_chem_comp.type
_chem_comp.name
_chem_comp.formula
ANP non-polymer 'PHOSPHOAMINOPHOSPHONIC ACID-ADENYLATE ESTER' 'C10 H17 N6 O12 P3'
EDO non-polymer 1,2-ETHANEDIOL 'C2 H6 O2'
PEG non-polymer DI(HYDROXYETHYL)ETHER 'C4 H10 O3'
PGE non-polymer 'TRIETHYLENE GLYCOL' 'C6 H14 O4'
ZN non-polymer 'ZINC ION' 'Zn 2'
#
# COMPACT_ATOMS: atom_id res chain seq x y z
N GLY A 114 -36.56 2.18 -1.38
CA GLY A 114 -35.47 1.74 -0.47
C GLY A 114 -34.27 1.18 -1.24
N THR A 115 -33.08 1.49 -0.72
CA THR A 115 -31.90 0.74 -1.06
C THR A 115 -31.69 -0.35 -0.01
N MET A 116 -31.27 -1.51 -0.50
CA MET A 116 -30.86 -2.64 0.31
C MET A 116 -29.55 -3.16 -0.27
N TYR A 117 -28.62 -3.45 0.63
CA TYR A 117 -27.37 -4.07 0.29
C TYR A 117 -27.33 -5.47 0.86
N TYR A 118 -27.19 -6.48 -0.01
CA TYR A 118 -27.01 -7.84 0.45
C TYR A 118 -25.53 -8.23 0.44
N GLY A 119 -25.14 -8.96 1.48
CA GLY A 119 -23.80 -9.50 1.63
C GLY A 119 -23.85 -11.00 1.89
N PHE A 120 -22.92 -11.73 1.26
CA PHE A 120 -22.72 -13.16 1.42
C PHE A 120 -21.29 -13.44 1.84
N ASP A 121 -21.13 -14.26 2.86
CA ASP A 121 -19.83 -14.78 3.24
C ASP A 121 -19.86 -16.28 3.01
N ILE A 122 -19.05 -16.72 2.04
CA ILE A 122 -19.01 -18.11 1.65
C ILE A 122 -17.94 -18.84 2.46
N GLY A 123 -18.36 -19.82 3.26
CA GLY A 123 -17.43 -20.66 4.00
C GLY A 123 -17.52 -22.07 3.46
N GLY A 124 -16.56 -22.91 3.85
CA GLY A 124 -16.49 -24.30 3.45
C GLY A 124 -17.70 -25.09 3.96
N THR A 125 -18.18 -24.74 5.16
CA THR A 125 -19.31 -25.42 5.78
C THR A 125 -20.61 -24.60 5.65
N LYS A 126 -20.54 -23.26 5.74
CA LYS A 126 -21.77 -22.46 5.80
C LYS A 126 -21.71 -21.25 4.84
N ILE A 127 -22.89 -20.82 4.37
CA ILE A 127 -23.02 -19.55 3.69
C ILE A 127 -23.84 -18.63 4.59
N GLU A 128 -23.26 -17.47 4.96
CA GLU A 128 -23.96 -16.51 5.79
CA GLU A 128 -23.98 -16.52 5.78
C GLU A 128 -24.49 -15.38 4.90
N PHE A 129 -25.63 -14.81 5.30
CA PHE A 129 -26.27 -13.79 4.50
C PHE A 129 -26.72 -12.66 5.42
N GLY A 130 -26.59 -11.44 4.91
CA GLY A 130 -26.95 -10.23 5.64
C GLY A 130 -27.57 -9.22 4.67
N ALA A 131 -28.64 -8.58 5.14
CA ALA A 131 -29.26 -7.49 4.42
C ALA A 131 -29.12 -6.22 5.26
N PHE A 132 -28.75 -5.13 4.58
CA PHE A 132 -28.49 -3.84 5.21
C PHE A 132 -29.29 -2.76 4.51
N ASP A 133 -29.95 -1.91 5.31
CA ASP A 133 -30.75 -0.84 4.75
C ASP A 133 -29.84 0.32 4.35
N ALA A 134 -30.44 1.40 3.82
CA ALA A 134 -29.71 2.60 3.40
C ALA A 134 -28.92 3.19 4.57
N ASP A 135 -29.32 2.95 5.82
CA ASP A 135 -28.55 3.50 6.93
C ASP A 135 -27.57 2.48 7.48
N LEU A 136 -27.36 1.37 6.75
CA LEU A 136 -26.44 0.29 7.10
C LEU A 136 -26.92 -0.47 8.31
N VAL A 137 -28.22 -0.39 8.64
CA VAL A 137 -28.77 -1.22 9.71
C VAL A 137 -28.98 -2.63 9.16
N ARG A 138 -28.50 -3.62 9.91
CA ARG A 138 -28.65 -5.03 9.52
C ARG A 138 -30.08 -5.52 9.78
N VAL A 139 -30.84 -5.81 8.73
CA VAL A 139 -32.27 -6.09 8.82
C VAL A 139 -32.59 -7.55 8.48
N ALA A 140 -31.60 -8.36 8.11
CA ALA A 140 -31.80 -9.79 7.91
C ALA A 140 -30.47 -10.51 8.13
N ARG A 141 -30.59 -11.72 8.67
CA ARG A 141 -29.48 -12.64 8.85
C ARG A 141 -30.00 -14.05 8.64
N GLU A 142 -29.25 -14.83 7.87
CA GLU A 142 -29.64 -16.16 7.47
C GLU A 142 -28.37 -16.96 7.17
N ARG A 143 -28.46 -18.26 7.37
CA ARG A 143 -27.32 -19.15 7.26
C ARG A 143 -27.82 -20.46 6.66
N VAL A 144 -27.21 -20.89 5.55
CA VAL A 144 -27.53 -22.16 4.93
C VAL A 144 -26.24 -22.93 4.78
N ALA A 145 -26.37 -24.25 4.63
CA ALA A 145 -25.23 -25.13 4.43
C ALA A 145 -24.64 -24.85 3.05
N THR A 146 -23.31 -24.78 2.96
CA THR A 146 -22.65 -24.65 1.68
C THR A 146 -22.71 -26.00 0.96
N PRO A 147 -23.39 -26.08 -0.21
CA PRO A 147 -23.43 -27.34 -0.97
C PRO A 147 -22.00 -27.71 -1.34
N THR A 148 -21.60 -28.93 -0.97
CA THR A 148 -20.31 -29.46 -1.37
C THR A 148 -20.46 -30.26 -2.67
N GLU A 149 -21.70 -30.67 -2.95
CA GLU A 149 -22.02 -31.52 -4.08
CA GLU A 149 -22.05 -31.51 -4.07
C GLU A 149 -21.83 -30.74 -5.38
N SER A 150 -22.94 -30.34 -6.02
CA SER A 150 -22.93 -29.67 -7.31
C SER A 150 -22.80 -28.14 -7.19
N TYR A 151 -22.30 -27.53 -8.28
CA TYR A 151 -22.22 -26.11 -8.46
C TYR A 151 -23.63 -25.53 -8.61
N ALA A 152 -24.52 -26.29 -9.27
CA ALA A 152 -25.89 -25.82 -9.45
C ALA A 152 -26.55 -25.63 -8.10
N ALA A 153 -26.24 -26.50 -7.12
CA ALA A 153 -26.84 -26.40 -5.81
C ALA A 153 -26.27 -25.18 -5.07
N PHE A 154 -24.95 -24.97 -5.23
CA PHE A 154 -24.27 -23.80 -4.70
C PHE A 154 -24.96 -22.53 -5.21
N LEU A 155 -25.18 -22.44 -6.55
CA LEU A 155 -25.83 -21.28 -7.16
C LEU A 155 -27.21 -21.10 -6.54
N ASP A 156 -27.92 -22.24 -6.37
CA ASP A 156 -29.31 -22.21 -5.93
C ASP A 156 -29.38 -21.60 -4.54
N ALA A 157 -28.41 -21.96 -3.68
CA ALA A 157 -28.37 -21.45 -2.32
C ALA A 157 -28.34 -19.92 -2.30
N ILE A 158 -27.52 -19.33 -3.18
CA ILE A 158 -27.29 -17.89 -3.17
C ILE A 158 -28.50 -17.21 -3.79
N VAL A 159 -28.96 -17.76 -4.93
CA VAL A 159 -30.04 -17.16 -5.71
C VAL A 159 -31.32 -17.15 -4.90
N THR A 160 -31.61 -18.26 -4.19
CA THR A 160 -32.78 -18.39 -3.33
C THR A 160 -32.72 -17.35 -2.21
N LEU A 161 -31.53 -17.18 -1.57
CA LEU A 161 -31.39 -16.17 -0.52
C LEU A 161 -31.70 -14.75 -1.03
N VAL A 162 -31.27 -14.42 -2.26
CA VAL A 162 -31.51 -13.10 -2.83
C VAL A 162 -33.00 -12.90 -3.14
N ASN A 163 -33.63 -13.91 -3.75
CA ASN A 163 -35.03 -13.81 -4.18
C ASN A 163 -35.94 -13.72 -2.96
N ASN A 164 -35.61 -14.44 -1.88
CA ASN A 164 -36.42 -14.37 -0.68
C ASN A 164 -36.32 -12.96 -0.07
N ALA A 165 -35.09 -12.45 0.04
CA ALA A 165 -34.85 -11.12 0.58
C ALA A 165 -35.57 -10.07 -0.25
N ASP A 166 -35.53 -10.21 -1.58
CA ASP A 166 -36.20 -9.29 -2.49
C ASP A 166 -37.71 -9.24 -2.21
N ALA A 167 -38.34 -10.41 -2.00
CA ALA A 167 -39.77 -10.53 -1.70
C ALA A 167 -40.06 -9.87 -0.36
N GLU A 168 -39.28 -10.22 0.67
CA GLU A 168 -39.45 -9.73 2.03
C GLU A 168 -39.35 -8.21 2.08
N PHE A 169 -38.34 -7.60 1.41
CA PHE A 169 -38.11 -6.16 1.51
C PHE A 169 -38.71 -5.39 0.34
N GLY A 170 -39.25 -6.10 -0.66
CA GLY A 170 -39.87 -5.46 -1.80
C GLY A 170 -38.91 -4.54 -2.56
N VAL A 171 -37.66 -4.99 -2.78
CA VAL A 171 -36.65 -4.24 -3.52
C VAL A 171 -35.84 -5.25 -4.32
N LYS A 172 -34.99 -4.75 -5.24
CA LYS A 172 -33.94 -5.56 -5.84
CA LYS A 172 -33.94 -5.58 -5.82
C LYS A 172 -32.60 -5.15 -5.24
N GLY A 173 -32.21 -5.80 -4.14
CA GLY A 173 -30.98 -5.52 -3.43
C GLY A 173 -29.71 -5.68 -4.27
N THR A 174 -28.68 -4.95 -3.86
CA THR A 174 -27.36 -5.13 -4.41
C THR A 174 -26.73 -6.40 -3.83
N VAL A 175 -25.75 -6.96 -4.53
CA VAL A 175 -25.21 -8.25 -4.15
C VAL A 175 -23.69 -8.20 -4.14
N GLY A 176 -23.11 -8.37 -2.95
CA GLY A 176 -21.68 -8.47 -2.74
C GLY A 176 -21.33 -9.79 -2.06
N ILE A 177 -20.20 -10.38 -2.43
CA ILE A 177 -19.89 -11.71 -1.95
C ILE A 177 -18.43 -11.73 -1.53
N GLY A 178 -18.24 -12.33 -0.35
CA GLY A 178 -16.94 -12.56 0.24
C GLY A 178 -16.59 -14.03 0.13
N ILE A 179 -15.35 -14.28 -0.31
CA ILE A 179 -14.87 -15.62 -0.61
C ILE A 179 -13.51 -15.79 0.02
N PRO A 180 -13.19 -17.02 0.48
CA PRO A 180 -11.85 -17.34 0.94
C PRO A 180 -10.98 -17.71 -0.26
N GLY A 181 -10.55 -16.69 -1.01
CA GLY A 181 -9.74 -16.78 -2.21
C GLY A 181 -10.01 -15.56 -3.08
N ILE A 182 -9.84 -15.70 -4.40
CA ILE A 182 -10.04 -14.59 -5.34
C ILE A 182 -10.71 -15.13 -6.59
N ALA A 183 -11.28 -14.21 -7.37
CA ALA A 183 -11.65 -14.45 -8.75
C ALA A 183 -10.50 -14.01 -9.67
N ASP A 184 -10.07 -14.89 -10.57
CA ASP A 184 -9.12 -14.52 -11.59
C ASP A 184 -9.67 -13.31 -12.33
N VAL A 185 -8.89 -12.23 -12.30
CA VAL A 185 -9.27 -10.91 -12.81
C VAL A 185 -9.55 -10.93 -14.31
N GLU A 186 -9.13 -11.97 -15.05
CA GLU A 186 -9.37 -12.04 -16.49
C GLU A 186 -10.45 -13.05 -16.84
N THR A 187 -10.37 -14.26 -16.27
CA THR A 187 -11.32 -15.30 -16.64
C THR A 187 -12.62 -15.22 -15.81
N GLY A 188 -12.55 -14.66 -14.59
CA GLY A 188 -13.68 -14.62 -13.68
C GLY A 188 -13.79 -15.89 -12.84
N LYS A 189 -12.86 -16.82 -13.05
CA LYS A 189 -12.91 -18.12 -12.40
C LYS A 189 -12.43 -18.02 -10.95
N LEU A 190 -13.17 -18.66 -10.06
CA LEU A 190 -12.84 -18.61 -8.64
C LEU A 190 -11.61 -19.46 -8.35
N LEU A 191 -10.67 -18.93 -7.56
CA LEU A 191 -9.54 -19.70 -7.07
C LEU A 191 -9.69 -19.81 -5.55
N THR A 192 -10.41 -20.84 -5.11
CA THR A 192 -10.80 -21.02 -3.72
C THR A 192 -10.80 -22.52 -3.44
N SER A 193 -9.62 -23.06 -3.13
CA SER A 193 -9.45 -24.43 -2.66
C SER A 193 -10.49 -24.88 -1.62
N ASN A 194 -11.08 -23.97 -0.85
CA ASN A 194 -11.91 -24.24 0.31
C ASN A 194 -13.37 -24.53 -0.05
N ILE A 195 -13.80 -24.14 -1.26
CA ILE A 195 -15.17 -24.25 -1.71
C ILE A 195 -15.13 -25.16 -2.95
N PRO A 196 -15.08 -26.50 -2.78
CA PRO A 196 -14.97 -27.42 -3.92
C PRO A 196 -16.03 -27.23 -5.00
N ALA A 197 -17.28 -26.94 -4.62
CA ALA A 197 -18.34 -26.83 -5.59
C ALA A 197 -18.19 -25.62 -6.52
N ALA A 198 -17.49 -24.57 -6.08
CA ALA A 198 -17.43 -23.34 -6.85
C ALA A 198 -16.05 -23.13 -7.49
N MET A 199 -15.05 -23.84 -6.97
CA MET A 199 -13.70 -23.86 -7.48
C MET A 199 -13.74 -23.92 -9.01
N GLY A 200 -13.23 -22.88 -9.65
CA GLY A 200 -13.00 -22.88 -11.09
C GLY A 200 -14.20 -22.40 -11.90
N HIS A 201 -15.25 -21.92 -11.22
CA HIS A 201 -16.45 -21.45 -11.91
C HIS A 201 -16.48 -19.92 -12.00
N THR A 202 -17.09 -19.42 -13.09
CA THR A 202 -17.28 -17.98 -13.26
C THR A 202 -18.48 -17.49 -12.42
N LEU A 203 -18.29 -17.45 -11.08
CA LEU A 203 -19.38 -17.21 -10.14
C LEU A 203 -20.04 -15.86 -10.40
N GLN A 204 -19.23 -14.82 -10.66
CA GLN A 204 -19.82 -13.49 -10.83
C GLN A 204 -20.82 -13.50 -11.99
N ARG A 205 -20.35 -13.99 -13.15
CA ARG A 205 -21.10 -14.00 -14.41
C ARG A 205 -22.33 -14.91 -14.30
N ASP A 206 -22.18 -16.07 -13.65
CA ASP A 206 -23.29 -17.00 -13.42
C ASP A 206 -24.39 -16.36 -12.57
N LEU A 207 -24.02 -15.57 -11.56
CA LEU A 207 -25.02 -14.98 -10.68
C LEU A 207 -25.65 -13.76 -11.32
N GLU A 208 -24.88 -13.05 -12.17
CA GLU A 208 -25.41 -11.86 -12.82
C GLU A 208 -26.51 -12.25 -13.83
N GLU A 209 -26.29 -13.37 -14.52
CA GLU A 209 -27.25 -13.92 -15.45
C GLU A 209 -28.51 -14.32 -14.67
N ARG A 210 -28.32 -15.05 -13.56
CA ARG A 210 -29.43 -15.53 -12.75
C ARG A 210 -30.13 -14.43 -11.94
N LEU A 211 -29.46 -13.31 -11.63
CA LEU A 211 -30.07 -12.37 -10.70
C LEU A 211 -30.41 -11.06 -11.40
N GLN A 212 -30.08 -10.99 -12.71
CA GLN A 212 -30.36 -9.84 -13.54
C GLN A 212 -29.89 -8.54 -12.87
N ARG A 213 -28.66 -8.52 -12.34
CA ARG A 213 -28.09 -7.31 -11.73
C ARG A 213 -26.58 -7.52 -11.57
N PRO A 214 -25.77 -6.46 -11.34
CA PRO A 214 -24.34 -6.64 -11.08
C PRO A 214 -24.04 -7.38 -9.76
N VAL A 215 -22.92 -8.10 -9.72
CA VAL A 215 -22.51 -8.85 -8.55
C VAL A 215 -21.03 -8.57 -8.31
N LYS A 216 -20.63 -8.36 -7.04
CA LYS A 216 -19.25 -8.07 -6.72
C LYS A 216 -18.70 -9.17 -5.83
N ILE A 217 -17.50 -9.64 -6.16
CA ILE A 217 -16.90 -10.70 -5.40
C ILE A 217 -15.52 -10.24 -4.92
N GLU A 218 -15.28 -10.30 -3.61
CA GLU A 218 -13.99 -9.91 -3.04
C GLU A 218 -13.55 -10.95 -2.02
N ASN A 219 -12.24 -11.02 -1.85
CA ASN A 219 -11.59 -11.81 -0.82
C ASN A 219 -12.09 -11.34 0.56
N ASP A 220 -12.14 -12.29 1.49
CA ASP A 220 -12.73 -12.05 2.80
C ASP A 220 -11.89 -11.06 3.62
N ALA A 221 -10.57 -11.03 3.40
CA ALA A 221 -9.69 -10.11 4.08
C ALA A 221 -10.05 -8.66 3.68
N ASN A 222 -10.46 -8.46 2.42
CA ASN A 222 -10.90 -7.14 1.98
C ASN A 222 -12.25 -6.78 2.59
N CYS A 223 -13.12 -7.77 2.74
CA CYS A 223 -14.45 -7.57 3.29
C CYS A 223 -14.34 -7.22 4.78
N PHE A 224 -13.46 -7.92 5.51
CA PHE A 224 -13.18 -7.65 6.90
C PHE A 224 -12.84 -6.17 7.07
N ALA A 225 -11.84 -5.72 6.30
CA ALA A 225 -11.36 -4.34 6.35
C ALA A 225 -12.48 -3.36 6.04
N LEU A 226 -13.24 -3.61 4.99
CA LEU A 226 -14.26 -2.65 4.59
C LEU A 226 -15.37 -2.59 5.65
N SER A 227 -15.66 -3.73 6.29
CA SER A 227 -16.64 -3.84 7.36
C SER A 227 -16.19 -2.94 8.51
N GLU A 228 -14.90 -3.02 8.87
CA GLU A 228 -14.35 -2.23 9.96
C GLU A 228 -14.30 -0.74 9.58
N ALA A 229 -13.95 -0.45 8.33
CA ALA A 229 -13.76 0.93 7.89
C ALA A 229 -15.10 1.68 7.92
N TRP A 230 -16.21 0.91 7.89
CA TRP A 230 -17.54 1.50 7.82
C TRP A 230 -18.21 1.64 9.18
N ASP A 231 -17.48 1.29 10.24
CA ASP A 231 -17.83 1.62 11.60
C ASP A 231 -17.95 3.13 11.77
N GLU A 232 -18.90 3.56 12.61
CA GLU A 232 -19.23 4.97 12.79
C GLU A 232 -17.98 5.80 13.13
N ASP A 233 -17.13 5.23 13.98
CA ASP A 233 -15.83 5.75 14.36
C ASP A 233 -14.91 6.02 13.16
N LEU A 234 -14.86 5.12 12.19
CA LEU A 234 -13.83 5.20 11.17
C LEU A 234 -14.34 5.77 9.83
N ARG A 235 -15.63 6.16 9.74
CA ARG A 235 -16.09 6.83 8.54
C ARG A 235 -15.38 8.17 8.41
N GLY A 236 -14.94 8.52 7.21
CA GLY A 236 -14.17 9.75 7.07
C GLY A 236 -12.67 9.53 7.16
N GLU A 237 -12.23 8.43 7.80
CA GLU A 237 -10.84 8.08 7.79
C GLU A 237 -10.33 7.94 6.36
N PRO A 238 -9.31 8.72 5.94
CA PRO A 238 -8.81 8.63 4.57
C PRO A 238 -8.24 7.26 4.18
N SER A 239 -7.87 6.43 5.17
CA SER A 239 -7.31 5.11 4.93
C SER A 239 -7.41 4.22 6.16
N VAL A 240 -7.62 2.92 5.91
CA VAL A 240 -7.76 1.88 6.92
C VAL A 240 -7.09 0.61 6.36
N LEU A 241 -6.23 0.00 7.17
CA LEU A 241 -5.61 -1.28 6.89
C LEU A 241 -6.19 -2.30 7.86
N GLY A 242 -6.87 -3.31 7.30
CA GLY A 242 -7.30 -4.44 8.09
C GLY A 242 -6.28 -5.56 8.05
N LEU A 243 -5.89 -6.10 9.22
CA LEU A 243 -5.01 -7.25 9.30
C LEU A 243 -5.66 -8.38 10.10
N ILE A 244 -5.60 -9.60 9.54
CA ILE A 244 -6.18 -10.78 10.15
C ILE A 244 -5.02 -11.69 10.52
N LEU A 245 -4.82 -11.88 11.83
CA LEU A 245 -3.75 -12.73 12.32
C LEU A 245 -4.36 -14.03 12.86
N GLY A 246 -4.54 -15.00 11.96
CA GLY A 246 -5.18 -16.27 12.30
C GLY A 246 -4.35 -17.46 11.87
N THR A 247 -4.89 -18.22 10.90
CA THR A 247 -4.13 -19.31 10.31
C THR A 247 -3.02 -18.72 9.46
N GLY A 248 -3.33 -17.57 8.83
CA GLY A 248 -2.39 -16.85 8.01
C GLY A 248 -2.56 -15.34 8.24
N VAL A 249 -1.74 -14.54 7.54
CA VAL A 249 -1.83 -13.10 7.62
C VAL A 249 -2.64 -12.63 6.42
N GLY A 250 -3.81 -12.05 6.69
CA GLY A 250 -4.65 -11.49 5.65
C GLY A 250 -4.68 -9.97 5.81
N GLY A 251 -4.67 -9.25 4.68
CA GLY A 251 -4.70 -7.79 4.65
C GLY A 251 -5.77 -7.28 3.69
N GLY A 252 -6.30 -6.08 4.01
CA GLY A 252 -7.27 -5.41 3.18
C GLY A 252 -7.04 -3.91 3.26
N LEU A 253 -6.80 -3.30 2.07
CA LEU A 253 -6.42 -1.90 1.97
C LEU A 253 -7.65 -1.07 1.61
N ILE A 254 -8.08 -0.18 2.50
CA ILE A 254 -9.21 0.73 2.28
C ILE A 254 -8.70 2.17 2.13
N PHE A 255 -9.16 2.88 1.07
CA PHE A 255 -8.84 4.27 0.83
C PHE A 255 -10.13 5.04 0.59
N ASN A 256 -10.41 6.01 1.46
CA ASN A 256 -11.64 6.79 1.46
C ASN A 256 -12.84 5.84 1.33
N GLY A 257 -12.89 4.82 2.20
CA GLY A 257 -14.07 3.98 2.31
C GLY A 257 -14.25 2.99 1.16
N LYS A 258 -13.19 2.76 0.36
CA LYS A 258 -13.29 1.90 -0.81
C LYS A 258 -12.14 0.89 -0.80
N VAL A 259 -12.46 -0.38 -1.06
CA VAL A 259 -11.49 -1.46 -1.22
C VAL A 259 -10.58 -1.17 -2.42
N HIS A 260 -9.27 -1.23 -2.16
CA HIS A 260 -8.30 -1.33 -3.23
C HIS A 260 -8.04 -2.81 -3.50
N SER A 261 -8.56 -3.32 -4.64
CA SER A 261 -8.45 -4.74 -4.96
C SER A 261 -7.11 -5.07 -5.61
N GLY A 262 -6.62 -4.15 -6.45
CA GLY A 262 -5.38 -4.38 -7.19
C GLY A 262 -5.62 -4.96 -8.59
N ARG A 263 -4.55 -4.90 -9.42
CA ARG A 263 -4.46 -5.33 -10.79
C ARG A 263 -4.93 -6.79 -11.00
N ALA A 264 -4.64 -7.70 -10.08
CA ALA A 264 -5.01 -9.11 -10.22
C ALA A 264 -5.76 -9.60 -8.97
N ASN A 265 -6.28 -8.67 -8.16
CA ASN A 265 -6.98 -8.96 -6.92
C ASN A 265 -6.04 -9.56 -5.87
N ILE A 266 -4.79 -9.09 -5.88
CA ILE A 266 -3.72 -9.54 -5.00
C ILE A 266 -3.45 -8.47 -3.94
N ALA A 267 -4.02 -7.24 -4.10
CA ALA A 267 -3.73 -6.17 -3.15
C ALA A 267 -4.04 -6.63 -1.73
N GLY A 268 -3.11 -6.35 -0.81
CA GLY A 268 -3.28 -6.66 0.59
C GLY A 268 -2.78 -8.05 1.00
N GLU A 269 -2.18 -8.81 0.09
CA GLU A 269 -1.55 -10.08 0.45
C GLU A 269 -0.19 -9.84 1.14
N ILE A 270 -0.23 -9.06 2.22
CA ILE A 270 0.91 -8.70 3.03
C ILE A 270 1.58 -9.96 3.59
N GLY A 271 0.77 -11.03 3.76
CA GLY A 271 1.21 -12.32 4.25
C GLY A 271 2.32 -12.94 3.39
N HIS A 272 2.29 -12.65 2.09
CA HIS A 272 3.30 -13.20 1.19
C HIS A 272 4.33 -12.14 0.80
N THR A 273 4.71 -11.33 1.79
CA THR A 273 5.91 -10.50 1.68
C THR A 273 6.94 -11.14 2.59
N ARG A 274 8.22 -11.05 2.22
CA ARG A 274 9.28 -11.72 2.96
C ARG A 274 9.67 -10.92 4.20
N LEU A 275 10.16 -11.62 5.23
CA LEU A 275 10.78 -11.02 6.40
C LEU A 275 11.74 -9.92 5.95
N PRO A 276 11.58 -8.69 6.45
CA PRO A 276 12.55 -7.64 6.21
C PRO A 276 13.87 -7.92 6.93
N TYR A 277 14.93 -7.21 6.52
CA TYR A 277 16.28 -7.39 7.06
C TYR A 277 16.31 -7.32 8.59
N ASP A 278 15.61 -6.35 9.17
CA ASP A 278 15.68 -6.08 10.59
C ASP A 278 14.97 -7.19 11.37
N ALA A 279 14.00 -7.87 10.76
CA ALA A 279 13.32 -9.01 11.37
C ALA A 279 14.24 -10.23 11.36
N LEU A 280 14.94 -10.42 10.24
CA LEU A 280 15.95 -11.46 10.12
C LEU A 280 17.05 -11.25 11.16
N LYS A 281 17.43 -9.99 11.40
CA LYS A 281 18.46 -9.69 12.39
C LYS A 281 18.02 -10.13 13.79
N LEU A 282 16.76 -9.84 14.16
CA LEU A 282 16.23 -10.22 15.45
C LEU A 282 16.23 -11.73 15.58
N LEU A 283 15.92 -12.45 14.50
CA LEU A 283 15.85 -13.90 14.57
C LEU A 283 17.21 -14.58 14.37
N GLY A 284 18.28 -13.81 14.12
CA GLY A 284 19.63 -14.35 14.10
C GLY A 284 20.20 -14.66 12.70
N MET A 285 19.85 -13.84 11.72
CA MET A 285 20.37 -13.84 10.35
C MET A 285 20.39 -15.23 9.71
N GLU A 286 21.58 -15.84 9.65
CA GLU A 286 21.75 -17.11 8.98
C GLU A 286 21.09 -18.23 9.77
N ASN A 287 20.94 -18.03 11.10
CA ASN A 287 20.38 -19.06 11.97
C ASN A 287 18.87 -18.85 12.11
N ALA A 288 18.37 -17.76 11.55
CA ALA A 288 16.94 -17.46 11.64
C ALA A 288 16.15 -18.54 10.90
N PRO A 289 15.08 -19.08 11.50
CA PRO A 289 14.28 -20.12 10.85
C PRO A 289 13.53 -19.57 9.64
N ILE A 290 13.61 -20.28 8.52
CA ILE A 290 13.02 -19.84 7.27
C ILE A 290 11.87 -20.78 6.93
N PHE A 291 10.63 -20.41 7.30
CA PHE A 291 9.50 -21.35 7.20
C PHE A 291 9.02 -21.45 5.75
N PRO A 292 8.60 -22.65 5.29
CA PRO A 292 8.05 -22.81 3.94
C PRO A 292 6.71 -22.10 3.94
N CYS A 293 6.21 -21.75 2.75
CA CYS A 293 4.93 -21.06 2.62
C CYS A 293 4.10 -21.78 1.57
N GLY A 294 2.77 -21.79 1.76
CA GLY A 294 1.80 -22.35 0.84
C GLY A 294 1.90 -21.79 -0.58
N CYS A 295 2.55 -20.62 -0.71
CA CYS A 295 2.74 -20.01 -2.02
C CYS A 295 3.99 -20.56 -2.66
N LYS A 296 4.68 -21.49 -1.98
CA LYS A 296 5.87 -22.17 -2.48
C LYS A 296 7.10 -21.27 -2.39
N ASN A 297 6.96 -20.11 -1.75
CA ASN A 297 8.07 -19.21 -1.54
C ASN A 297 8.53 -19.42 -0.09
N SER A 298 9.62 -18.78 0.32
CA SER A 298 10.03 -19.00 1.70
C SER A 298 10.44 -17.70 2.39
N GLY A 299 10.10 -17.63 3.69
CA GLY A 299 10.41 -16.47 4.51
C GLY A 299 9.24 -15.50 4.58
N CYS A 300 8.08 -15.91 4.02
CA CYS A 300 6.87 -15.11 4.03
C CYS A 300 6.39 -14.90 5.47
N ILE A 301 5.88 -13.70 5.76
CA ILE A 301 5.57 -13.32 7.14
C ILE A 301 4.26 -13.98 7.57
N ASP A 302 3.57 -14.60 6.60
CA ASP A 302 2.39 -15.43 6.80
C ASP A 302 2.65 -16.52 7.85
N ASN A 303 3.90 -16.98 7.95
CA ASN A 303 4.25 -18.09 8.81
C ASN A 303 5.01 -17.59 10.05
N TYR A 304 4.82 -16.30 10.40
CA TYR A 304 5.50 -15.73 11.55
C TYR A 304 4.51 -14.94 12.41
N LEU A 305 3.64 -14.13 11.80
CA LEU A 305 2.89 -13.12 12.54
C LEU A 305 1.44 -13.54 12.77
N SER A 306 1.00 -14.61 12.09
CA SER A 306 -0.29 -15.25 12.29
C SER A 306 -0.26 -16.09 13.56
N GLY A 307 -1.46 -16.58 13.97
CA GLY A 307 -1.60 -17.50 15.08
C GLY A 307 -0.72 -18.73 14.90
N ARG A 308 -0.77 -19.30 13.69
CA ARG A 308 0.06 -20.42 13.32
C ARG A 308 1.53 -20.01 13.45
N GLY A 309 1.88 -18.81 12.94
CA GLY A 309 3.23 -18.30 13.02
C GLY A 309 3.73 -18.17 14.47
N PHE A 310 2.85 -17.69 15.36
CA PHE A 310 3.12 -17.58 16.78
C PHE A 310 3.54 -18.94 17.34
N GLU A 311 2.73 -19.97 17.05
CA GLU A 311 2.99 -21.35 17.44
C GLU A 311 4.30 -21.88 16.87
N GLN A 312 4.49 -21.74 15.55
CA GLN A 312 5.66 -22.22 14.79
C GLN A 312 6.96 -21.65 15.36
N LEU A 313 6.91 -20.41 15.87
CA LEU A 313 8.10 -19.74 16.35
C LEU A 313 8.43 -20.22 17.76
N TYR A 314 7.40 -20.59 18.53
CA TYR A 314 7.57 -21.13 19.86
C TYR A 314 8.25 -22.49 19.73
N ASP A 315 7.66 -23.33 18.87
CA ASP A 315 8.08 -24.68 18.56
C ASP A 315 9.53 -24.70 18.08
N HIS A 316 9.92 -23.76 17.20
CA HIS A 316 11.28 -23.70 16.71
C HIS A 316 12.27 -23.53 17.86
N TYR A 317 12.01 -22.57 18.75
CA TYR A 317 13.01 -22.15 19.71
C TYR A 317 12.94 -22.97 21.00
N PHE A 318 11.81 -23.65 21.26
CA PHE A 318 11.65 -24.31 22.55
C PHE A 318 11.23 -25.77 22.39
N SER A 319 11.16 -26.27 21.16
CA SER A 319 10.98 -27.69 20.85
C SER A 319 9.72 -28.29 21.47
N GLU A 320 8.61 -27.55 21.50
CA GLU A 320 7.39 -28.08 22.09
C GLU A 320 6.20 -27.53 21.31
N LYS A 321 5.17 -28.34 21.13
CA LYS A 321 4.04 -27.95 20.31
C LYS A 321 2.89 -27.47 21.21
N LEU A 322 2.94 -26.21 21.62
CA LEU A 322 1.79 -25.62 22.29
C LEU A 322 0.99 -24.76 21.31
N SER A 323 -0.34 -24.75 21.50
CA SER A 323 -1.21 -23.86 20.77
C SER A 323 -1.03 -22.44 21.32
N ALA A 324 -1.42 -21.43 20.52
CA ALA A 324 -1.27 -20.04 20.92
C ALA A 324 -1.94 -19.77 22.25
N PRO A 325 -3.25 -20.12 22.50
CA PRO A 325 -3.86 -19.86 23.81
C PRO A 325 -3.10 -20.47 24.98
N GLU A 326 -2.45 -21.62 24.74
CA GLU A 326 -1.65 -22.30 25.74
C GLU A 326 -0.35 -21.55 26.03
N ILE A 327 0.26 -20.95 25.00
CA ILE A 327 1.50 -20.20 25.17
C ILE A 327 1.20 -18.93 25.96
N ILE A 328 0.07 -18.30 25.61
CA ILE A 328 -0.40 -17.07 26.24
C ILE A 328 -0.66 -17.35 27.72
N ALA A 329 -1.27 -18.49 28.04
CA ALA A 329 -1.56 -18.87 29.42
C ALA A 329 -0.26 -18.96 30.24
N HIS A 330 0.81 -19.55 29.67
CA HIS A 330 2.08 -19.71 30.38
C HIS A 330 2.77 -18.37 30.51
N TYR A 331 2.51 -17.47 29.55
CA TYR A 331 3.00 -16.11 29.63
C TYR A 331 2.39 -15.44 30.87
N GLU A 332 1.07 -15.60 31.05
CA GLU A 332 0.32 -14.96 32.13
C GLU A 332 0.83 -15.43 33.49
N GLN A 333 1.35 -16.68 33.56
CA GLN A 333 1.83 -17.29 34.80
CA GLN A 333 1.83 -17.29 34.80
C GLN A 333 3.29 -16.91 35.03
N GLY A 334 4.01 -16.53 33.97
CA GLY A 334 5.34 -16.00 34.11
C GLY A 334 6.42 -16.98 33.65
N GLU A 335 6.00 -18.10 33.03
CA GLU A 335 6.95 -19.12 32.58
C GLU A 335 8.03 -18.50 31.71
N ARG A 336 9.29 -18.78 32.06
CA ARG A 336 10.47 -18.23 31.42
C ARG A 336 10.34 -18.27 29.90
N ARG A 337 9.91 -19.43 29.39
CA ARG A 337 9.96 -19.74 27.97
C ARG A 337 8.95 -18.90 27.20
N ALA A 338 7.72 -18.84 27.72
CA ALA A 338 6.62 -18.11 27.11
C ALA A 338 6.87 -16.60 27.15
N VAL A 339 7.48 -16.13 28.24
CA VAL A 339 7.88 -14.73 28.37
C VAL A 339 8.92 -14.40 27.31
N GLN A 340 9.86 -15.33 27.09
CA GLN A 340 10.90 -15.11 26.08
C GLN A 340 10.31 -15.11 24.68
N HIS A 341 9.32 -15.97 24.46
CA HIS A 341 8.68 -16.02 23.17
C HIS A 341 7.95 -14.72 22.87
N VAL A 342 7.08 -14.30 23.79
CA VAL A 342 6.26 -13.12 23.59
C VAL A 342 7.11 -11.88 23.31
N GLU A 343 8.19 -11.72 24.10
CA GLU A 343 9.14 -10.64 23.91
C GLU A 343 9.67 -10.66 22.46
N ARG A 344 10.14 -11.82 22.00
CA ARG A 344 10.59 -11.98 20.64
C ARG A 344 9.45 -11.61 19.68
N PHE A 345 8.26 -12.19 19.89
CA PHE A 345 7.14 -12.02 18.97
C PHE A 345 6.69 -10.57 18.83
N MET A 346 6.49 -9.87 19.97
CA MET A 346 6.08 -8.47 19.98
C MET A 346 7.07 -7.59 19.20
N GLU A 347 8.36 -7.90 19.33
CA GLU A 347 9.39 -7.14 18.63
C GLU A 347 9.34 -7.47 17.13
N LEU A 348 9.17 -8.75 16.79
CA LEU A 348 9.09 -9.17 15.40
C LEU A 348 7.86 -8.54 14.73
N LEU A 349 6.72 -8.51 15.44
CA LEU A 349 5.48 -7.91 14.98
C LEU A 349 5.71 -6.41 14.70
N ALA A 350 6.26 -5.70 15.70
CA ALA A 350 6.64 -4.29 15.60
C ALA A 350 7.51 -4.05 14.35
N ILE A 351 8.60 -4.83 14.18
CA ILE A 351 9.52 -4.70 13.05
C ILE A 351 8.77 -4.84 11.73
N CYS A 352 8.01 -5.92 11.58
CA CYS A 352 7.32 -6.20 10.35
C CYS A 352 6.29 -5.11 10.05
N LEU A 353 5.45 -4.77 11.03
CA LEU A 353 4.40 -3.78 10.78
C LEU A 353 4.99 -2.41 10.46
N ALA A 354 6.11 -2.04 11.10
CA ALA A 354 6.77 -0.75 10.92
C ALA A 354 7.25 -0.62 9.47
N ASN A 355 7.74 -1.72 8.90
CA ASN A 355 8.08 -1.81 7.48
C ASN A 355 6.88 -1.48 6.60
N ILE A 356 5.76 -2.18 6.86
CA ILE A 356 4.54 -2.05 6.07
C ILE A 356 3.99 -0.63 6.25
N PHE A 357 4.19 -0.04 7.44
CA PHE A 357 3.61 1.26 7.77
C PHE A 357 4.41 2.37 7.13
N THR A 358 5.72 2.11 6.93
CA THR A 358 6.58 3.08 6.28
C THR A 358 6.13 3.27 4.83
N CYS A 359 5.67 2.16 4.22
CA CYS A 359 5.14 2.19 2.87
C CYS A 359 3.72 2.73 2.83
N LEU A 360 2.82 2.24 3.70
CA LEU A 360 1.39 2.50 3.58
C LEU A 360 0.89 3.67 4.43
N ASP A 361 1.54 3.92 5.59
CA ASP A 361 1.14 4.98 6.53
C ASP A 361 -0.38 4.99 6.73
N PRO A 362 -0.99 3.88 7.20
CA PRO A 362 -2.44 3.84 7.41
C PRO A 362 -2.86 4.80 8.54
N HIS A 363 -4.06 5.38 8.44
CA HIS A 363 -4.57 6.20 9.53
C HIS A 363 -5.02 5.30 10.69
N VAL A 364 -5.73 4.20 10.36
CA VAL A 364 -6.24 3.24 11.34
C VAL A 364 -5.87 1.83 10.89
N VAL A 365 -5.36 1.03 11.83
CA VAL A 365 -5.07 -0.38 11.64
C VAL A 365 -6.02 -1.21 12.53
N VAL A 366 -6.83 -2.10 11.90
CA VAL A 366 -7.76 -2.98 12.60
C VAL A 366 -7.26 -4.42 12.56
N LEU A 367 -7.13 -5.04 13.75
CA LEU A 367 -6.68 -6.43 13.85
C LEU A 367 -7.86 -7.36 14.13
N GLY A 368 -7.92 -8.42 13.32
CA GLY A 368 -8.90 -9.50 13.38
C GLY A 368 -8.21 -10.87 13.46
N GLY A 369 -9.02 -11.93 13.47
CA GLY A 369 -8.46 -13.27 13.56
C GLY A 369 -8.10 -13.62 15.00
N GLY A 370 -7.71 -14.88 15.22
CA GLY A 370 -7.49 -15.41 16.56
C GLY A 370 -6.50 -14.64 17.42
N LEU A 371 -5.31 -14.31 16.88
CA LEU A 371 -4.24 -13.73 17.68
C LEU A 371 -4.59 -12.28 18.03
N SER A 372 -5.61 -11.73 17.35
CA SER A 372 -6.02 -10.37 17.64
C SER A 372 -6.68 -10.30 19.03
N ASN A 373 -6.93 -11.47 19.63
CA ASN A 373 -7.55 -11.55 20.94
C ASN A 373 -6.53 -11.36 22.06
N PHE A 374 -5.24 -11.47 21.71
CA PHE A 374 -4.15 -11.30 22.65
C PHE A 374 -3.94 -9.81 22.96
N GLU A 375 -4.65 -9.32 23.99
CA GLU A 375 -4.77 -7.90 24.32
C GLU A 375 -3.40 -7.23 24.50
N LEU A 376 -2.33 -8.01 24.79
CA LEU A 376 -1.01 -7.43 25.01
C LEU A 376 -0.53 -6.69 23.76
N ILE A 377 -0.99 -7.15 22.58
CA ILE A 377 -0.65 -6.55 21.30
C ILE A 377 -1.03 -5.07 21.26
N TYR A 378 -2.17 -4.70 21.83
CA TYR A 378 -2.65 -3.33 21.72
C TYR A 378 -1.87 -2.38 22.62
N GLN A 379 -1.21 -2.91 23.65
CA GLN A 379 -0.38 -2.05 24.48
C GLN A 379 1.08 -2.08 24.02
N GLU A 380 1.57 -3.24 23.56
CA GLU A 380 2.98 -3.39 23.19
C GLU A 380 3.33 -2.78 21.82
N LEU A 381 2.36 -2.71 20.87
CA LEU A 381 2.66 -2.16 19.55
C LEU A 381 3.00 -0.67 19.60
N PRO A 382 2.21 0.21 20.27
CA PRO A 382 2.57 1.62 20.41
C PRO A 382 3.94 1.85 21.05
N LYS A 383 4.34 0.95 21.95
CA LYS A 383 5.61 1.10 22.64
C LYS A 383 6.79 0.70 21.75
N ARG A 384 6.64 -0.29 20.87
CA ARG A 384 7.80 -0.79 20.17
C ARG A 384 7.86 -0.28 18.72
N LEU A 385 6.77 0.28 18.20
CA LEU A 385 6.74 0.72 16.81
C LEU A 385 7.70 1.91 16.58
N PRO A 386 7.70 2.98 17.41
CA PRO A 386 8.46 4.19 17.10
C PRO A 386 9.95 3.97 16.78
N ALA A 387 10.59 3.00 17.46
CA ALA A 387 11.99 2.68 17.22
C ALA A 387 12.26 2.25 15.78
N HIS A 388 11.23 1.78 15.07
CA HIS A 388 11.39 1.16 13.76
C HIS A 388 10.72 1.97 12.64
N LEU A 389 9.93 2.99 12.98
CA LEU A 389 9.32 3.89 12.01
C LEU A 389 10.32 5.02 11.72
N LEU A 390 10.02 5.89 10.75
CA LEU A 390 10.80 7.09 10.52
C LEU A 390 10.67 8.01 11.73
N HIS A 391 11.71 8.80 11.97
CA HIS A 391 11.69 9.75 13.07
C HIS A 391 10.49 10.72 12.99
N VAL A 392 10.06 11.12 11.78
CA VAL A 392 8.97 12.08 11.67
C VAL A 392 7.61 11.38 11.72
N ALA A 393 7.59 10.05 11.63
CA ALA A 393 6.40 9.22 11.49
C ALA A 393 5.57 9.28 12.77
N LYS A 394 4.25 9.17 12.64
CA LYS A 394 3.34 9.11 13.77
C LYS A 394 2.57 7.80 13.72
N LEU A 395 2.11 7.35 14.89
CA LEU A 395 1.45 6.07 15.09
C LEU A 395 0.03 6.13 14.53
N PRO A 396 -0.39 5.07 13.83
CA PRO A 396 -1.78 4.94 13.41
C PRO A 396 -2.59 4.62 14.67
N LYS A 397 -3.91 4.82 14.62
CA LYS A 397 -4.80 4.24 15.59
C LYS A 397 -4.78 2.73 15.35
N ILE A 398 -4.51 1.97 16.41
CA ILE A 398 -4.45 0.52 16.32
C ILE A 398 -5.46 -0.12 17.27
N ILE A 399 -6.51 -0.70 16.71
CA ILE A 399 -7.62 -1.21 17.49
C ILE A 399 -7.92 -2.67 17.11
N LYS A 400 -8.56 -3.38 18.05
CA LYS A 400 -9.14 -4.68 17.79
C LYS A 400 -10.45 -4.50 17.02
N ALA A 401 -10.72 -5.43 16.10
CA ALA A 401 -11.97 -5.45 15.32
C ALA A 401 -13.21 -5.33 16.22
N ARG A 402 -14.11 -4.44 15.85
CA ARG A 402 -15.36 -4.26 16.56
C ARG A 402 -16.51 -5.11 16.02
N HIS A 403 -16.30 -5.97 15.01
CA HIS A 403 -17.36 -6.78 14.42
C HIS A 403 -16.88 -8.19 14.12
N GLY A 404 -16.21 -8.82 15.09
CA GLY A 404 -15.83 -10.23 15.02
C GLY A 404 -16.13 -10.90 13.68
N ASP A 405 -17.27 -11.61 13.62
CA ASP A 405 -17.54 -12.63 12.63
C ASP A 405 -18.61 -12.19 11.62
N ALA A 406 -19.19 -11.02 11.83
CA ALA A 406 -20.13 -10.45 10.89
C ALA A 406 -19.40 -9.66 9.79
N GLY A 407 -18.07 -9.78 9.76
CA GLY A 407 -17.23 -8.95 8.91
C GLY A 407 -17.35 -9.31 7.43
N GLY A 408 -17.34 -10.61 7.17
CA GLY A 408 -17.55 -11.14 5.84
C GLY A 408 -18.87 -10.63 5.26
N VAL A 409 -19.98 -10.65 6.04
CA VAL A 409 -21.25 -10.29 5.46
C VAL A 409 -21.35 -8.78 5.29
N ARG A 410 -20.88 -8.03 6.30
CA ARG A 410 -21.00 -6.58 6.32
C ARG A 410 -20.18 -6.01 5.16
N GLY A 411 -18.91 -6.45 5.08
CA GLY A 411 -17.97 -5.99 4.10
C GLY A 411 -18.43 -6.35 2.70
N ALA A 412 -18.98 -7.58 2.55
CA ALA A 412 -19.49 -8.02 1.28
C ALA A 412 -20.58 -7.06 0.85
N ALA A 413 -21.52 -6.78 1.76
CA ALA A 413 -22.65 -5.92 1.43
C ALA A 413 -22.13 -4.52 1.09
N PHE A 414 -21.10 -4.06 1.82
CA PHE A 414 -20.60 -2.71 1.64
C PHE A 414 -19.79 -2.54 0.34
N LEU A 415 -19.43 -3.63 -0.34
CA LEU A 415 -18.76 -3.52 -1.64
C LEU A 415 -19.61 -2.66 -2.58
N ASN A 416 -20.92 -2.56 -2.33
CA ASN A 416 -21.82 -1.90 -3.25
C ASN A 416 -22.29 -0.54 -2.73
N LEU A 417 -21.67 0.00 -1.68
CA LEU A 417 -22.14 1.28 -1.13
C LEU A 417 -21.98 2.40 -2.17
N GLY B 114 -15.46 29.63 -15.23
CA GLY B 114 -14.33 28.69 -15.39
C GLY B 114 -13.85 28.11 -14.06
N THR B 115 -13.44 26.86 -14.11
CA THR B 115 -12.57 26.29 -13.10
C THR B 115 -11.12 26.44 -13.57
N MET B 116 -10.26 26.72 -12.60
CA MET B 116 -8.85 26.94 -12.82
C MET B 116 -8.10 26.21 -11.70
N TYR B 117 -7.10 25.40 -12.07
CA TYR B 117 -6.28 24.74 -11.08
C TYR B 117 -4.85 25.28 -11.16
N TYR B 118 -4.35 25.85 -10.06
CA TYR B 118 -2.98 26.31 -10.03
C TYR B 118 -2.10 25.29 -9.34
N GLY B 119 -0.88 25.16 -9.87
CA GLY B 119 0.14 24.31 -9.30
C GLY B 119 1.47 25.05 -9.15
N PHE B 120 2.17 24.76 -8.06
CA PHE B 120 3.47 25.30 -7.73
C PHE B 120 4.39 24.14 -7.38
N ASP B 121 5.54 24.15 -8.05
CA ASP B 121 6.61 23.22 -7.70
C ASP B 121 7.73 24.03 -7.09
N ILE B 122 7.99 23.81 -5.80
CA ILE B 122 8.98 24.58 -5.06
C ILE B 122 10.30 23.82 -5.09
N GLY B 123 11.31 24.42 -5.71
CA GLY B 123 12.65 23.88 -5.64
C GLY B 123 13.53 24.83 -4.86
N GLY B 124 14.73 24.35 -4.53
CA GLY B 124 15.73 25.14 -3.83
C GLY B 124 16.16 26.35 -4.64
N THR B 125 16.17 26.25 -5.98
CA THR B 125 16.62 27.30 -6.86
C THR B 125 15.45 28.02 -7.52
N LYS B 126 14.41 27.26 -7.91
CA LYS B 126 13.33 27.85 -8.70
C LYS B 126 11.94 27.47 -8.18
N ILE B 127 10.96 28.33 -8.45
CA ILE B 127 9.57 28.01 -8.24
C ILE B 127 8.92 27.97 -9.62
N GLU B 128 8.33 26.81 -9.99
CA GLU B 128 7.63 26.68 -11.25
C GLU B 128 6.13 26.85 -11.00
N PHE B 129 5.44 27.54 -11.92
CA PHE B 129 4.03 27.80 -11.73
C PHE B 129 3.25 27.41 -12.97
N GLY B 130 2.07 26.84 -12.76
CA GLY B 130 1.22 26.38 -13.84
C GLY B 130 -0.24 26.62 -13.52
N ALA B 131 -1.00 27.12 -14.51
CA ALA B 131 -2.43 27.19 -14.43
C ALA B 131 -3.03 26.26 -15.48
N PHE B 132 -4.06 25.51 -15.05
CA PHE B 132 -4.72 24.48 -15.85
C PHE B 132 -6.22 24.73 -15.86
N ASP B 133 -6.81 24.69 -17.07
CA ASP B 133 -8.23 24.95 -17.23
C ASP B 133 -9.01 23.68 -16.82
N ALA B 134 -10.34 23.77 -16.93
CA ALA B 134 -11.24 22.66 -16.67
C ALA B 134 -10.88 21.42 -17.50
N ASP B 135 -10.26 21.58 -18.67
CA ASP B 135 -9.91 20.41 -19.46
C ASP B 135 -8.47 19.96 -19.22
N LEU B 136 -7.81 20.54 -18.21
CA LEU B 136 -6.40 20.29 -17.88
C LEU B 136 -5.46 20.81 -18.96
N VAL B 137 -5.91 21.77 -19.78
CA VAL B 137 -5.02 22.47 -20.69
C VAL B 137 -4.23 23.52 -19.92
N ARG B 138 -2.91 23.55 -20.14
CA ARG B 138 -2.05 24.52 -19.49
C ARG B 138 -2.20 25.92 -20.11
N VAL B 139 -2.72 26.88 -19.31
CA VAL B 139 -3.04 28.21 -19.80
C VAL B 139 -2.10 29.30 -19.24
N ALA B 140 -1.20 28.95 -18.33
CA ALA B 140 -0.19 29.84 -17.79
C ALA B 140 1.01 29.03 -17.33
N ARG B 141 2.18 29.67 -17.46
CA ARG B 141 3.49 29.06 -17.24
C ARG B 141 4.46 30.14 -16.77
N GLU B 142 5.14 29.92 -15.64
CA GLU B 142 5.98 30.96 -15.06
C GLU B 142 7.02 30.31 -14.16
N ARG B 143 8.22 30.90 -14.14
CA ARG B 143 9.32 30.38 -13.34
C ARG B 143 10.02 31.56 -12.68
N VAL B 144 10.05 31.59 -11.35
CA VAL B 144 10.67 32.67 -10.62
C VAL B 144 11.69 32.05 -9.68
N ALA B 145 12.65 32.86 -9.25
CA ALA B 145 13.69 32.44 -8.32
C ALA B 145 13.04 32.17 -6.96
N THR B 146 13.43 31.07 -6.33
CA THR B 146 13.02 30.79 -4.97
C THR B 146 13.73 31.74 -4.01
N PRO B 147 13.01 32.61 -3.28
CA PRO B 147 13.64 33.49 -2.29
C PRO B 147 14.34 32.65 -1.23
N THR B 148 15.65 32.87 -1.05
CA THR B 148 16.41 32.16 -0.04
C THR B 148 16.48 33.03 1.20
N GLU B 149 16.22 34.34 1.02
CA GLU B 149 16.32 35.37 2.04
CA GLU B 149 16.31 35.38 2.02
C GLU B 149 15.24 35.15 3.09
N SER B 150 14.21 36.03 3.10
CA SER B 150 13.11 36.00 4.02
C SER B 150 11.96 35.08 3.58
N TYR B 151 11.20 34.61 4.56
CA TYR B 151 9.96 33.88 4.42
C TYR B 151 8.91 34.77 3.79
N ALA B 152 8.89 36.06 4.17
CA ALA B 152 7.92 36.98 3.61
C ALA B 152 8.11 37.08 2.10
N ALA B 153 9.35 37.00 1.61
CA ALA B 153 9.60 37.10 0.19
C ALA B 153 9.15 35.81 -0.51
N PHE B 154 9.37 34.66 0.15
CA PHE B 154 8.88 33.38 -0.33
C PHE B 154 7.37 33.43 -0.50
N LEU B 155 6.66 33.89 0.53
CA LEU B 155 5.20 34.02 0.49
C LEU B 155 4.81 34.91 -0.67
N ASP B 156 5.55 36.02 -0.82
CA ASP B 156 5.23 37.07 -1.78
C ASP B 156 5.24 36.47 -3.18
N ALA B 157 6.25 35.63 -3.44
CA ALA B 157 6.42 35.02 -4.75
C ALA B 157 5.16 34.26 -5.14
N ILE B 158 4.65 33.47 -4.18
CA ILE B 158 3.55 32.57 -4.44
C ILE B 158 2.27 33.40 -4.60
N VAL B 159 2.04 34.31 -3.64
CA VAL B 159 0.80 35.07 -3.52
C VAL B 159 0.63 35.98 -4.74
N THR B 160 1.72 36.63 -5.17
CA THR B 160 1.70 37.51 -6.33
C THR B 160 1.33 36.73 -7.60
N LEU B 161 1.92 35.53 -7.77
CA LEU B 161 1.62 34.67 -8.91
C LEU B 161 0.14 34.30 -8.95
N VAL B 162 -0.45 34.00 -7.78
CA VAL B 162 -1.85 33.62 -7.73
C VAL B 162 -2.77 34.79 -8.09
N ASN B 163 -2.49 35.96 -7.48
CA ASN B 163 -3.33 37.13 -7.68
C ASN B 163 -3.29 37.59 -9.13
N ASN B 164 -2.13 37.50 -9.79
CA ASN B 164 -2.03 37.90 -11.19
C ASN B 164 -2.82 36.95 -12.09
N ALA B 165 -2.65 35.64 -11.88
CA ALA B 165 -3.39 34.64 -12.63
C ALA B 165 -4.89 34.83 -12.44
N ASP B 166 -5.32 35.14 -11.19
CA ASP B 166 -6.71 35.39 -10.87
C ASP B 166 -7.28 36.56 -11.70
N ALA B 167 -6.52 37.67 -11.79
CA ALA B 167 -6.89 38.87 -12.54
C ALA B 167 -6.99 38.52 -14.02
N GLU B 168 -5.97 37.86 -14.56
CA GLU B 168 -5.88 37.51 -15.95
C GLU B 168 -7.04 36.60 -16.37
N PHE B 169 -7.40 35.59 -15.56
CA PHE B 169 -8.43 34.63 -15.96
C PHE B 169 -9.79 34.97 -15.37
N GLY B 170 -9.86 35.97 -14.49
CA GLY B 170 -11.12 36.34 -13.87
C GLY B 170 -11.76 35.19 -13.10
N VAL B 171 -10.96 34.50 -12.29
CA VAL B 171 -11.39 33.36 -11.48
C VAL B 171 -10.64 33.41 -10.14
N LYS B 172 -11.05 32.57 -9.20
CA LYS B 172 -10.23 32.27 -8.04
C LYS B 172 -9.75 30.83 -8.20
N GLY B 173 -8.60 30.62 -8.83
CA GLY B 173 -8.05 29.29 -9.00
C GLY B 173 -7.78 28.53 -7.70
N THR B 174 -7.85 27.19 -7.77
CA THR B 174 -7.44 26.34 -6.68
C THR B 174 -5.91 26.33 -6.58
N VAL B 175 -5.38 25.95 -5.42
CA VAL B 175 -3.95 26.10 -5.19
C VAL B 175 -3.39 24.81 -4.59
N GLY B 176 -2.49 24.17 -5.34
CA GLY B 176 -1.76 23.01 -4.89
C GLY B 176 -0.26 23.27 -4.96
N ILE B 177 0.48 22.70 -4.02
CA ILE B 177 1.89 23.00 -3.93
C ILE B 177 2.66 21.72 -3.70
N GLY B 178 3.73 21.57 -4.45
CA GLY B 178 4.65 20.45 -4.34
C GLY B 178 5.96 20.93 -3.74
N ILE B 179 6.44 20.18 -2.74
CA ILE B 179 7.58 20.56 -1.92
C ILE B 179 8.52 19.37 -1.81
N PRO B 180 9.84 19.61 -1.76
CA PRO B 180 10.82 18.56 -1.45
C PRO B 180 10.91 18.36 0.05
N GLY B 181 9.90 17.69 0.60
CA GLY B 181 9.71 17.43 2.01
C GLY B 181 8.23 17.22 2.31
N ILE B 182 7.81 17.47 3.56
CA ILE B 182 6.42 17.32 3.98
C ILE B 182 6.05 18.47 4.91
N ALA B 183 4.75 18.66 5.09
CA ALA B 183 4.21 19.45 6.19
C ALA B 183 3.90 18.52 7.37
N ASP B 184 4.37 18.87 8.58
CA ASP B 184 3.99 18.14 9.77
C ASP B 184 2.46 18.14 9.87
N VAL B 185 1.86 16.95 9.89
CA VAL B 185 0.43 16.74 9.81
C VAL B 185 -0.29 17.36 11.03
N GLU B 186 0.42 17.70 12.11
CA GLU B 186 -0.24 18.27 13.28
C GLU B 186 0.02 19.76 13.38
N THR B 187 1.28 20.19 13.22
CA THR B 187 1.61 21.60 13.42
C THR B 187 1.41 22.41 12.13
N GLY B 188 1.48 21.78 10.96
CA GLY B 188 1.44 22.47 9.68
C GLY B 188 2.83 22.96 9.25
N LYS B 189 3.86 22.72 10.08
CA LYS B 189 5.18 23.27 9.84
C LYS B 189 5.93 22.46 8.78
N LEU B 190 6.59 23.17 7.86
CA LEU B 190 7.27 22.51 6.75
C LEU B 190 8.55 21.86 7.25
N LEU B 191 8.76 20.60 6.82
CA LEU B 191 10.02 19.91 7.08
C LEU B 191 10.71 19.74 5.73
N THR B 192 11.51 20.72 5.33
CA THR B 192 12.11 20.79 4.00
C THR B 192 13.46 21.46 4.14
N SER B 193 14.47 20.64 4.47
CA SER B 193 15.86 21.02 4.45
C SER B 193 16.28 21.86 3.24
N ASN B 194 15.63 21.72 2.08
CA ASN B 194 16.11 22.31 0.83
C ASN B 194 15.56 23.72 0.59
N ILE B 195 14.56 24.14 1.37
CA ILE B 195 13.93 25.45 1.23
C ILE B 195 14.17 26.22 2.52
N PRO B 196 15.38 26.80 2.74
CA PRO B 196 15.69 27.46 4.02
C PRO B 196 14.68 28.52 4.44
N ALA B 197 14.09 29.27 3.51
CA ALA B 197 13.20 30.36 3.88
C ALA B 197 11.88 29.86 4.47
N ALA B 198 11.46 28.65 4.10
CA ALA B 198 10.14 28.18 4.47
C ALA B 198 10.21 27.10 5.56
N MET B 199 11.40 26.50 5.71
CA MET B 199 11.72 25.56 6.78
C MET B 199 11.11 26.05 8.09
N GLY B 200 10.19 25.26 8.63
CA GLY B 200 9.62 25.48 9.96
C GLY B 200 8.43 26.42 9.99
N HIS B 201 7.92 26.83 8.81
CA HIS B 201 6.79 27.74 8.72
C HIS B 201 5.48 27.02 8.39
N THR B 202 4.37 27.55 8.93
CA THR B 202 3.05 27.04 8.62
C THR B 202 2.57 27.53 7.25
N LEU B 203 3.17 26.98 6.17
CA LEU B 203 2.97 27.52 4.83
C LEU B 203 1.49 27.43 4.41
N GLN B 204 0.85 26.30 4.71
CA GLN B 204 -0.51 26.14 4.26
C GLN B 204 -1.40 27.24 4.86
N ARG B 205 -1.32 27.40 6.18
CA ARG B 205 -2.12 28.34 6.96
C ARG B 205 -1.82 29.78 6.52
N ASP B 206 -0.54 30.11 6.32
CA ASP B 206 -0.12 31.45 5.88
C ASP B 206 -0.70 31.82 4.50
N LEU B 207 -0.75 30.84 3.58
CA LEU B 207 -1.25 31.11 2.24
C LEU B 207 -2.78 31.12 2.24
N GLU B 208 -3.41 30.30 3.09
CA GLU B 208 -4.87 30.25 3.11
C GLU B 208 -5.43 31.56 3.65
N GLU B 209 -4.72 32.15 4.63
CA GLU B 209 -5.10 33.44 5.19
C GLU B 209 -4.97 34.49 4.10
N ARG B 210 -3.84 34.51 3.41
CA ARG B 210 -3.56 35.49 2.37
C ARG B 210 -4.38 35.26 1.09
N LEU B 211 -4.87 34.05 0.82
CA LEU B 211 -5.45 33.79 -0.49
C LEU B 211 -6.95 33.53 -0.35
N GLN B 212 -7.44 33.53 0.90
CA GLN B 212 -8.84 33.34 1.23
C GLN B 212 -9.42 32.09 0.55
N ARG B 213 -8.71 30.96 0.56
CA ARG B 213 -9.21 29.72 -0.05
C ARG B 213 -8.35 28.56 0.45
N PRO B 214 -8.77 27.28 0.29
CA PRO B 214 -7.93 26.14 0.70
C PRO B 214 -6.64 26.01 -0.11
N VAL B 215 -5.59 25.49 0.55
CA VAL B 215 -4.31 25.24 -0.09
C VAL B 215 -3.87 23.83 0.27
N LYS B 216 -3.38 23.09 -0.72
CA LYS B 216 -2.93 21.74 -0.50
C LYS B 216 -1.43 21.68 -0.75
N ILE B 217 -0.71 21.05 0.17
CA ILE B 217 0.74 20.95 0.04
C ILE B 217 1.11 19.48 0.12
N GLU B 218 1.81 18.98 -0.91
CA GLU B 218 2.19 17.57 -0.96
C GLU B 218 3.65 17.46 -1.34
N ASN B 219 4.26 16.36 -0.89
CA ASN B 219 5.59 15.96 -1.27
C ASN B 219 5.67 15.79 -2.79
N ASP B 220 6.85 16.07 -3.35
CA ASP B 220 7.04 16.05 -4.79
C ASP B 220 6.92 14.65 -5.37
N ALA B 221 7.25 13.60 -4.61
CA ALA B 221 7.07 12.22 -5.05
C ALA B 221 5.59 11.92 -5.30
N ASN B 222 4.71 12.54 -4.51
CA ASN B 222 3.29 12.36 -4.68
C ASN B 222 2.80 13.13 -5.90
N CYS B 223 3.38 14.32 -6.11
CA CYS B 223 2.99 15.17 -7.23
C CYS B 223 3.43 14.56 -8.55
N PHE B 224 4.65 13.97 -8.57
CA PHE B 224 5.19 13.26 -9.71
C PHE B 224 4.20 12.16 -10.14
N ALA B 225 3.79 11.32 -9.17
CA ALA B 225 2.88 10.22 -9.40
C ALA B 225 1.55 10.74 -9.95
N LEU B 226 1.00 11.76 -9.28
CA LEU B 226 -0.33 12.22 -9.65
C LEU B 226 -0.31 12.82 -11.07
N SER B 227 0.82 13.45 -11.44
CA SER B 227 0.99 14.01 -12.77
C SER B 227 0.88 12.91 -13.83
N GLU B 228 1.59 11.80 -13.58
CA GLU B 228 1.61 10.68 -14.48
C GLU B 228 0.21 10.04 -14.53
N ALA B 229 -0.40 9.86 -13.36
CA ALA B 229 -1.65 9.16 -13.21
C ALA B 229 -2.79 9.87 -13.95
N TRP B 230 -2.62 11.17 -14.25
CA TRP B 230 -3.66 11.95 -14.88
C TRP B 230 -3.49 12.09 -16.39
N ASP B 231 -2.48 11.42 -16.95
CA ASP B 231 -2.36 11.31 -18.39
C ASP B 231 -3.58 10.59 -18.97
N GLU B 232 -4.03 10.99 -20.17
CA GLU B 232 -5.26 10.47 -20.76
C GLU B 232 -5.25 8.94 -20.79
N ASP B 233 -4.08 8.38 -21.10
CA ASP B 233 -3.69 6.99 -21.03
C ASP B 233 -4.04 6.31 -19.70
N LEU B 234 -3.81 6.96 -18.56
CA LEU B 234 -3.89 6.33 -17.26
C LEU B 234 -5.11 6.75 -16.43
N ARG B 235 -5.95 7.69 -16.92
CA ARG B 235 -7.18 8.01 -16.21
C ARG B 235 -8.10 6.80 -16.25
N GLY B 236 -8.79 6.54 -15.15
CA GLY B 236 -9.57 5.33 -15.12
C GLY B 236 -8.81 4.17 -14.48
N GLU B 237 -7.47 4.19 -14.52
CA GLU B 237 -6.71 3.21 -13.78
C GLU B 237 -7.06 3.26 -12.30
N PRO B 238 -7.57 2.18 -11.68
CA PRO B 238 -7.91 2.18 -10.27
C PRO B 238 -6.74 2.47 -9.33
N SER B 239 -5.49 2.28 -9.78
CA SER B 239 -4.29 2.56 -8.98
C SER B 239 -3.04 2.77 -9.83
N VAL B 240 -2.16 3.69 -9.35
CA VAL B 240 -0.90 4.02 -9.98
C VAL B 240 0.14 4.21 -8.88
N LEU B 241 1.31 3.59 -9.05
CA LEU B 241 2.42 3.74 -8.15
C LEU B 241 3.54 4.43 -8.92
N GLY B 242 3.91 5.62 -8.43
CA GLY B 242 5.05 6.32 -8.98
C GLY B 242 6.29 5.98 -8.17
N LEU B 243 7.40 5.62 -8.87
CA LEU B 243 8.69 5.40 -8.22
C LEU B 243 9.78 6.27 -8.85
N ILE B 244 10.56 6.95 -8.00
CA ILE B 244 11.64 7.81 -8.41
C ILE B 244 12.95 7.16 -8.00
N LEU B 245 13.74 6.72 -8.98
CA LEU B 245 15.03 6.10 -8.70
C LEU B 245 16.14 7.09 -9.08
N GLY B 246 16.50 7.95 -8.12
CA GLY B 246 17.56 8.92 -8.31
C GLY B 246 18.61 8.86 -7.19
N THR B 247 18.66 9.93 -6.39
CA THR B 247 19.54 9.97 -5.24
C THR B 247 19.02 8.98 -4.20
N GLY B 248 17.69 8.89 -4.13
CA GLY B 248 17.01 7.96 -3.23
C GLY B 248 15.83 7.32 -3.94
N VAL B 249 15.11 6.46 -3.22
CA VAL B 249 13.90 5.83 -3.74
C VAL B 249 12.72 6.63 -3.20
N GLY B 250 11.98 7.29 -4.09
CA GLY B 250 10.79 8.02 -3.72
C GLY B 250 9.57 7.31 -4.31
N GLY B 251 8.46 7.34 -3.58
CA GLY B 251 7.21 6.72 -3.98
C GLY B 251 6.01 7.65 -3.79
N GLY B 252 4.97 7.47 -4.60
CA GLY B 252 3.70 8.14 -4.52
C GLY B 252 2.58 7.16 -4.90
N LEU B 253 1.64 6.96 -3.97
CA LEU B 253 0.55 6.00 -4.13
C LEU B 253 -0.71 6.75 -4.57
N ILE B 254 -1.20 6.43 -5.78
CA ILE B 254 -2.43 7.00 -6.32
C ILE B 254 -3.54 5.92 -6.37
N PHE B 255 -4.73 6.25 -5.85
CA PHE B 255 -5.90 5.38 -5.91
C PHE B 255 -7.06 6.15 -6.49
N ASN B 256 -7.57 5.67 -7.63
CA ASN B 256 -8.65 6.34 -8.35
C ASN B 256 -8.34 7.82 -8.51
N GLY B 257 -7.14 8.13 -9.00
CA GLY B 257 -6.78 9.49 -9.37
C GLY B 257 -6.53 10.42 -8.17
N LYS B 258 -6.36 9.87 -6.96
CA LYS B 258 -6.20 10.68 -5.77
C LYS B 258 -4.96 10.20 -5.00
N VAL B 259 -4.13 11.17 -4.58
CA VAL B 259 -2.97 10.91 -3.73
C VAL B 259 -3.43 10.34 -2.39
N HIS B 260 -2.84 9.21 -2.02
CA HIS B 260 -2.89 8.74 -0.66
C HIS B 260 -1.69 9.33 0.09
N SER B 261 -1.94 10.30 0.98
CA SER B 261 -0.89 11.02 1.70
C SER B 261 -0.39 10.23 2.91
N GLY B 262 -1.31 9.55 3.60
CA GLY B 262 -0.97 8.83 4.83
C GLY B 262 -1.26 9.66 6.08
N ARG B 263 -1.34 8.96 7.22
CA ARG B 263 -1.56 9.46 8.57
C ARG B 263 -0.64 10.62 8.96
N ALA B 264 0.63 10.60 8.53
CA ALA B 264 1.60 11.64 8.88
C ALA B 264 2.27 12.21 7.64
N ASN B 265 1.69 11.99 6.45
CA ASN B 265 2.25 12.43 5.17
C ASN B 265 3.53 11.68 4.82
N ILE B 266 3.62 10.40 5.22
CA ILE B 266 4.73 9.50 5.06
C ILE B 266 4.40 8.44 4.00
N ALA B 267 3.13 8.35 3.55
CA ALA B 267 2.76 7.31 2.58
C ALA B 267 3.65 7.38 1.35
N GLY B 268 4.09 6.20 0.90
CA GLY B 268 4.95 6.09 -0.27
C GLY B 268 6.45 6.17 0.04
N GLU B 269 6.83 6.17 1.32
CA GLU B 269 8.25 6.18 1.68
C GLU B 269 8.86 4.78 1.58
N ILE B 270 8.68 4.16 0.41
CA ILE B 270 9.08 2.81 0.10
C ILE B 270 10.60 2.67 0.27
N GLY B 271 11.33 3.79 0.08
CA GLY B 271 12.77 3.85 0.19
C GLY B 271 13.27 3.44 1.57
N HIS B 272 12.47 3.72 2.61
CA HIS B 272 12.87 3.35 3.96
C HIS B 272 12.13 2.11 4.43
N THR B 273 11.96 1.15 3.54
CA THR B 273 11.64 -0.22 3.89
C THR B 273 12.92 -1.04 3.76
N ARG B 274 13.07 -2.08 4.60
CA ARG B 274 14.29 -2.87 4.62
C ARG B 274 14.29 -3.91 3.50
N LEU B 275 15.49 -4.27 3.02
CA LEU B 275 15.71 -5.39 2.12
C LEU B 275 14.91 -6.58 2.61
N PRO B 276 14.04 -7.16 1.75
CA PRO B 276 13.37 -8.42 2.10
C PRO B 276 14.37 -9.57 2.13
N TYR B 277 13.96 -10.69 2.75
CA TYR B 277 14.81 -11.86 2.94
C TYR B 277 15.42 -12.34 1.62
N ASP B 278 14.61 -12.37 0.54
CA ASP B 278 15.04 -12.93 -0.73
C ASP B 278 16.09 -12.05 -1.39
N ALA B 279 16.06 -10.74 -1.09
CA ALA B 279 17.07 -9.82 -1.60
C ALA B 279 18.39 -10.00 -0.85
N LEU B 280 18.28 -10.17 0.47
CA LEU B 280 19.42 -10.47 1.32
C LEU B 280 20.07 -11.78 0.85
N LYS B 281 19.27 -12.78 0.46
CA LYS B 281 19.80 -14.05 0.00
C LYS B 281 20.63 -13.86 -1.28
N LEU B 282 20.13 -13.07 -2.22
CA LEU B 282 20.84 -12.82 -3.47
C LEU B 282 22.16 -12.14 -3.16
N LEU B 283 22.18 -11.25 -2.16
CA LEU B 283 23.40 -10.51 -1.83
C LEU B 283 24.32 -11.29 -0.89
N GLY B 284 23.91 -12.47 -0.40
CA GLY B 284 24.76 -13.37 0.36
C GLY B 284 24.57 -13.35 1.88
N MET B 285 23.34 -13.12 2.35
CA MET B 285 22.90 -13.17 3.74
C MET B 285 23.84 -12.38 4.66
N GLU B 286 24.69 -13.09 5.42
CA GLU B 286 25.56 -12.47 6.41
C GLU B 286 26.64 -11.63 5.71
N ASN B 287 26.99 -11.98 4.48
CA ASN B 287 28.05 -11.30 3.74
C ASN B 287 27.47 -10.18 2.89
N ALA B 288 26.14 -10.06 2.86
CA ALA B 288 25.48 -9.01 2.12
C ALA B 288 25.86 -7.65 2.71
N PRO B 289 26.21 -6.66 1.88
CA PRO B 289 26.51 -5.32 2.37
C PRO B 289 25.25 -4.65 2.94
N ILE B 290 25.38 -4.07 4.13
CA ILE B 290 24.26 -3.46 4.82
C ILE B 290 24.51 -1.95 4.87
N PHE B 291 23.94 -1.18 3.94
CA PHE B 291 24.32 0.23 3.80
C PHE B 291 23.61 1.06 4.86
N PRO B 292 24.27 2.09 5.44
CA PRO B 292 23.63 2.97 6.41
C PRO B 292 22.60 3.79 5.63
N CYS B 293 21.63 4.36 6.35
CA CYS B 293 20.62 5.20 5.75
C CYS B 293 20.54 6.52 6.52
N GLY B 294 20.28 7.62 5.78
CA GLY B 294 20.07 8.93 6.34
C GLY B 294 18.94 8.98 7.36
N CYS B 295 18.05 7.97 7.39
CA CYS B 295 16.98 7.90 8.37
C CYS B 295 17.52 7.29 9.65
N LYS B 296 18.81 6.91 9.66
CA LYS B 296 19.48 6.34 10.82
C LYS B 296 19.13 4.87 11.01
N ASN B 297 18.43 4.28 10.03
CA ASN B 297 18.17 2.85 10.04
C ASN B 297 19.20 2.16 9.13
N SER B 298 19.18 0.82 9.02
CA SER B 298 20.10 0.22 8.09
C SER B 298 19.44 -0.91 7.30
N GLY B 299 19.85 -1.04 6.04
CA GLY B 299 19.33 -2.06 5.15
C GLY B 299 18.18 -1.51 4.30
N CYS B 300 17.93 -0.19 4.37
CA CYS B 300 16.88 0.47 3.62
C CYS B 300 17.16 0.37 2.12
N ILE B 301 16.11 0.14 1.32
CA ILE B 301 16.27 -0.13 -0.11
C ILE B 301 16.59 1.17 -0.86
N ASP B 302 16.45 2.30 -0.15
CA ASP B 302 16.88 3.63 -0.58
C ASP B 302 18.33 3.61 -1.07
N ASN B 303 19.16 2.74 -0.48
CA ASN B 303 20.59 2.72 -0.75
C ASN B 303 20.94 1.52 -1.63
N TYR B 304 19.97 0.97 -2.36
CA TYR B 304 20.22 -0.16 -3.22
C TYR B 304 19.63 0.04 -4.62
N LEU B 305 18.39 0.56 -4.70
CA LEU B 305 17.62 0.54 -5.93
C LEU B 305 17.62 1.91 -6.61
N SER B 306 18.13 2.93 -5.90
CA SER B 306 18.30 4.28 -6.42
C SER B 306 19.54 4.33 -7.32
N GLY B 307 19.70 5.45 -8.05
CA GLY B 307 20.91 5.71 -8.83
C GLY B 307 22.16 5.60 -7.94
N ARG B 308 22.10 6.23 -6.78
CA ARG B 308 23.15 6.15 -5.79
C ARG B 308 23.35 4.69 -5.37
N GLY B 309 22.24 3.98 -5.11
CA GLY B 309 22.29 2.56 -4.75
C GLY B 309 22.99 1.70 -5.80
N PHE B 310 22.69 1.97 -7.08
CA PHE B 310 23.28 1.30 -8.22
C PHE B 310 24.80 1.44 -8.14
N GLU B 311 25.28 2.68 -7.94
CA GLU B 311 26.69 3.01 -7.81
C GLU B 311 27.34 2.29 -6.62
N GLN B 312 26.72 2.41 -5.43
CA GLN B 312 27.16 1.87 -4.15
C GLN B 312 27.37 0.36 -4.25
N LEU B 313 26.52 -0.31 -5.04
CA LEU B 313 26.56 -1.76 -5.14
C LEU B 313 27.69 -2.21 -6.07
N TYR B 314 27.99 -1.37 -7.07
CA TYR B 314 29.09 -1.61 -8.00
C TYR B 314 30.39 -1.52 -7.21
N ASP B 315 30.52 -0.40 -6.49
CA ASP B 315 31.67 -0.06 -5.66
C ASP B 315 31.96 -1.14 -4.63
N HIS B 316 30.91 -1.67 -3.97
CA HIS B 316 31.09 -2.70 -2.97
C HIS B 316 31.74 -3.93 -3.60
N TYR B 317 31.23 -4.39 -4.75
CA TYR B 317 31.64 -5.69 -5.26
C TYR B 317 32.87 -5.59 -6.17
N PHE B 318 33.19 -4.39 -6.69
CA PHE B 318 34.26 -4.30 -7.69
C PHE B 318 35.30 -3.26 -7.32
N SER B 319 35.15 -2.62 -6.15
CA SER B 319 36.14 -1.71 -5.58
C SER B 319 36.52 -0.57 -6.52
N GLU B 320 35.53 0.01 -7.20
CA GLU B 320 35.81 1.12 -8.08
C GLU B 320 34.62 2.07 -8.07
N LYS B 321 34.88 3.39 -8.13
CA LYS B 321 33.79 4.35 -8.04
C LYS B 321 33.45 4.89 -9.42
N LEU B 322 32.60 4.17 -10.15
CA LEU B 322 32.00 4.73 -11.35
C LEU B 322 30.59 5.27 -11.07
N SER B 323 30.22 6.33 -11.79
CA SER B 323 28.86 6.84 -11.79
C SER B 323 27.96 5.87 -12.57
N ALA B 324 26.65 5.95 -12.33
CA ALA B 324 25.70 5.06 -12.96
C ALA B 324 25.83 5.11 -14.49
N PRO B 325 25.78 6.29 -15.17
CA PRO B 325 25.91 6.33 -16.63
C PRO B 325 27.20 5.65 -17.15
N GLU B 326 28.26 5.72 -16.34
CA GLU B 326 29.54 5.13 -16.68
C GLU B 326 29.50 3.61 -16.57
N ILE B 327 28.77 3.08 -15.58
CA ILE B 327 28.62 1.65 -15.40
C ILE B 327 27.81 1.08 -16.57
N ILE B 328 26.75 1.82 -16.91
CA ILE B 328 25.84 1.47 -18.00
C ILE B 328 26.64 1.42 -19.31
N ALA B 329 27.54 2.38 -19.53
CA ALA B 329 28.36 2.44 -20.73
C ALA B 329 29.21 1.18 -20.86
N HIS B 330 29.80 0.72 -19.75
CA HIS B 330 30.65 -0.48 -19.75
C HIS B 330 29.82 -1.73 -19.95
N TYR B 331 28.57 -1.66 -19.48
CA TYR B 331 27.63 -2.74 -19.71
C TYR B 331 27.40 -2.89 -21.21
N GLU B 332 27.17 -1.75 -21.89
CA GLU B 332 26.83 -1.72 -23.30
C GLU B 332 27.98 -2.29 -24.15
N GLN B 333 29.23 -2.14 -23.67
CA GLN B 333 30.43 -2.58 -24.37
CA GLN B 333 30.39 -2.60 -24.40
C GLN B 333 30.72 -4.05 -24.06
N GLY B 334 30.18 -4.55 -22.95
CA GLY B 334 30.23 -5.97 -22.67
C GLY B 334 31.19 -6.29 -21.54
N GLU B 335 31.69 -5.26 -20.84
CA GLU B 335 32.69 -5.46 -19.78
C GLU B 335 32.14 -6.43 -18.73
N ARG B 336 32.93 -7.45 -18.42
CA ARG B 336 32.52 -8.54 -17.55
C ARG B 336 31.89 -8.00 -16.27
N ARG B 337 32.53 -6.97 -15.68
CA ARG B 337 32.19 -6.50 -14.35
C ARG B 337 30.82 -5.82 -14.35
N ALA B 338 30.60 -4.96 -15.34
CA ALA B 338 29.36 -4.20 -15.48
C ALA B 338 28.20 -5.12 -15.85
N VAL B 339 28.47 -6.16 -16.65
CA VAL B 339 27.50 -7.17 -17.00
C VAL B 339 27.08 -7.91 -15.73
N GLN B 340 28.06 -8.23 -14.87
CA GLN B 340 27.76 -8.93 -13.64
C GLN B 340 26.98 -8.03 -12.69
N HIS B 341 27.28 -6.73 -12.70
CA HIS B 341 26.58 -5.81 -11.82
C HIS B 341 25.11 -5.71 -12.23
N VAL B 342 24.87 -5.42 -13.52
CA VAL B 342 23.53 -5.19 -14.01
C VAL B 342 22.65 -6.41 -13.75
N GLU B 343 23.18 -7.60 -14.03
CA GLU B 343 22.49 -8.86 -13.78
C GLU B 343 22.09 -8.92 -12.31
N ARG B 344 23.03 -8.66 -11.39
CA ARG B 344 22.72 -8.61 -9.97
C ARG B 344 21.63 -7.57 -9.73
N PHE B 345 21.83 -6.35 -10.23
CA PHE B 345 20.92 -5.24 -9.93
C PHE B 345 19.50 -5.49 -10.43
N MET B 346 19.33 -5.94 -11.69
CA MET B 346 18.02 -6.25 -12.26
C MET B 346 17.28 -7.29 -11.42
N GLU B 347 18.03 -8.26 -10.89
CA GLU B 347 17.44 -9.30 -10.07
C GLU B 347 17.02 -8.71 -8.72
N LEU B 348 17.90 -7.89 -8.14
CA LEU B 348 17.61 -7.23 -6.87
C LEU B 348 16.39 -6.31 -7.00
N LEU B 349 16.29 -5.54 -8.10
CA LEU B 349 15.15 -4.67 -8.40
C LEU B 349 13.87 -5.50 -8.48
N ALA B 350 13.88 -6.57 -9.28
CA ALA B 350 12.80 -7.53 -9.41
C ALA B 350 12.33 -8.02 -8.04
N ILE B 351 13.26 -8.53 -7.21
CA ILE B 351 12.96 -9.07 -5.90
C ILE B 351 12.26 -8.01 -5.03
N CYS B 352 12.89 -6.83 -4.93
CA CYS B 352 12.34 -5.76 -4.09
C CYS B 352 10.97 -5.31 -4.58
N LEU B 353 10.83 -5.00 -5.87
CA LEU B 353 9.56 -4.53 -6.40
C LEU B 353 8.44 -5.59 -6.26
N ALA B 354 8.77 -6.88 -6.42
CA ALA B 354 7.82 -7.98 -6.35
C ALA B 354 7.24 -8.05 -4.93
N ASN B 355 8.09 -7.80 -3.92
CA ASN B 355 7.65 -7.66 -2.53
C ASN B 355 6.60 -6.55 -2.38
N ILE B 356 6.93 -5.37 -2.91
CA ILE B 356 6.07 -4.20 -2.82
C ILE B 356 4.79 -4.45 -3.60
N PHE B 357 4.87 -5.22 -4.70
CA PHE B 357 3.73 -5.46 -5.58
C PHE B 357 2.79 -6.49 -4.96
N THR B 358 3.35 -7.39 -4.13
CA THR B 358 2.54 -8.38 -3.45
C THR B 358 1.62 -7.69 -2.44
N CYS B 359 2.12 -6.62 -1.83
CA CYS B 359 1.35 -5.79 -0.93
C CYS B 359 0.39 -4.86 -1.67
N LEU B 360 0.88 -4.12 -2.69
CA LEU B 360 0.16 -3.00 -3.29
C LEU B 360 -0.59 -3.35 -4.57
N ASP B 361 -0.11 -4.34 -5.32
CA ASP B 361 -0.68 -4.78 -6.60
C ASP B 361 -1.09 -3.57 -7.48
N PRO B 362 -0.15 -2.66 -7.84
CA PRO B 362 -0.49 -1.51 -8.67
C PRO B 362 -0.94 -1.92 -10.08
N HIS B 363 -1.85 -1.16 -10.69
CA HIS B 363 -2.24 -1.44 -12.05
C HIS B 363 -1.14 -0.96 -13.00
N VAL B 364 -0.63 0.26 -12.74
CA VAL B 364 0.42 0.90 -13.50
C VAL B 364 1.51 1.36 -12.55
N VAL B 365 2.77 1.07 -12.92
CA VAL B 365 3.95 1.55 -12.22
C VAL B 365 4.73 2.49 -13.17
N VAL B 366 4.94 3.74 -12.73
CA VAL B 366 5.67 4.75 -13.48
C VAL B 366 7.01 5.02 -12.80
N LEU B 367 8.10 4.92 -13.56
CA LEU B 367 9.45 5.14 -13.05
C LEU B 367 9.96 6.51 -13.52
N GLY B 368 10.47 7.28 -12.56
CA GLY B 368 11.10 8.58 -12.73
C GLY B 368 12.49 8.63 -12.11
N GLY B 369 13.11 9.81 -12.15
CA GLY B 369 14.46 10.01 -11.65
C GLY B 369 15.50 9.46 -12.63
N GLY B 370 16.77 9.66 -12.30
CA GLY B 370 17.89 9.38 -13.18
C GLY B 370 17.94 7.94 -13.71
N LEU B 371 17.78 6.93 -12.84
CA LEU B 371 18.04 5.56 -13.22
C LEU B 371 16.88 5.08 -14.10
N SER B 372 15.79 5.85 -14.12
CA SER B 372 14.64 5.48 -14.93
C SER B 372 14.99 5.63 -16.41
N ASN B 373 16.16 6.22 -16.69
CA ASN B 373 16.62 6.43 -18.06
C ASN B 373 17.23 5.16 -18.66
N PHE B 374 17.60 4.22 -17.77
CA PHE B 374 18.21 2.95 -18.14
C PHE B 374 17.15 2.01 -18.74
N GLU B 375 16.98 2.08 -20.06
CA GLU B 375 15.93 1.40 -20.82
C GLU B 375 15.88 -0.11 -20.55
N LEU B 376 16.99 -0.72 -20.13
CA LEU B 376 17.04 -2.15 -19.89
C LEU B 376 16.02 -2.57 -18.81
N ILE B 377 15.75 -1.67 -17.87
CA ILE B 377 14.81 -1.89 -16.79
C ILE B 377 13.43 -2.27 -17.34
N TYR B 378 12.98 -1.63 -18.43
CA TYR B 378 11.63 -1.83 -18.92
C TYR B 378 11.50 -3.18 -19.63
N GLN B 379 12.60 -3.76 -20.09
CA GLN B 379 12.55 -5.08 -20.69
C GLN B 379 12.85 -6.18 -19.66
N GLU B 380 13.76 -5.92 -18.70
CA GLU B 380 14.19 -6.94 -17.77
C GLU B 380 13.19 -7.14 -16.62
N LEU B 381 12.37 -6.14 -16.26
CA LEU B 381 11.45 -6.28 -15.13
C LEU B 381 10.35 -7.29 -15.45
N PRO B 382 9.66 -7.22 -16.62
CA PRO B 382 8.65 -8.23 -16.95
C PRO B 382 9.20 -9.66 -17.01
N LYS B 383 10.49 -9.80 -17.35
CA LYS B 383 11.10 -11.12 -17.43
C LYS B 383 11.42 -11.67 -16.05
N ARG B 384 11.82 -10.82 -15.09
CA ARG B 384 12.32 -11.36 -13.83
C ARG B 384 11.27 -11.30 -12.72
N LEU B 385 10.20 -10.49 -12.89
CA LEU B 385 9.23 -10.31 -11.82
C LEU B 385 8.47 -11.61 -11.55
N PRO B 386 7.92 -12.34 -12.57
CA PRO B 386 7.01 -13.47 -12.32
C PRO B 386 7.53 -14.52 -11.33
N ALA B 387 8.83 -14.79 -11.35
CA ALA B 387 9.44 -15.75 -10.45
C ALA B 387 9.27 -15.35 -8.98
N HIS B 388 9.02 -14.06 -8.70
CA HIS B 388 9.02 -13.54 -7.34
C HIS B 388 7.63 -13.04 -6.90
N LEU B 389 6.70 -12.91 -7.84
CA LEU B 389 5.31 -12.58 -7.51
C LEU B 389 4.57 -13.87 -7.18
N LEU B 390 3.34 -13.77 -6.69
CA LEU B 390 2.50 -14.94 -6.52
C LEU B 390 2.23 -15.60 -7.87
N HIS B 391 1.99 -16.91 -7.84
CA HIS B 391 1.70 -17.64 -9.07
C HIS B 391 0.51 -17.02 -9.82
N VAL B 392 -0.50 -16.54 -9.10
CA VAL B 392 -1.73 -16.08 -9.73
C VAL B 392 -1.62 -14.60 -10.07
N ALA B 393 -0.53 -13.94 -9.62
CA ALA B 393 -0.28 -12.51 -9.79
C ALA B 393 -0.04 -12.19 -11.27
N LYS B 394 -0.46 -11.01 -11.71
CA LYS B 394 -0.20 -10.56 -13.06
C LYS B 394 0.60 -9.27 -13.00
N LEU B 395 1.36 -9.00 -14.08
CA LEU B 395 2.32 -7.92 -14.16
C LEU B 395 1.59 -6.60 -14.32
N PRO B 396 2.01 -5.57 -13.56
CA PRO B 396 1.45 -4.23 -13.76
C PRO B 396 2.02 -3.72 -15.08
N LYS B 397 1.38 -2.72 -15.70
CA LYS B 397 2.02 -1.99 -16.78
C LYS B 397 3.14 -1.17 -16.15
N ILE B 398 4.35 -1.31 -16.68
CA ILE B 398 5.53 -0.63 -16.17
C ILE B 398 6.12 0.28 -17.25
N ILE B 399 6.00 1.59 -17.08
CA ILE B 399 6.46 2.53 -18.08
C ILE B 399 7.39 3.57 -17.47
N LYS B 400 8.21 4.20 -18.31
CA LYS B 400 8.98 5.37 -17.95
C LYS B 400 8.04 6.59 -17.91
N ALA B 401 8.27 7.46 -16.93
CA ALA B 401 7.54 8.71 -16.74
C ALA B 401 7.59 9.54 -18.03
N ARG B 402 6.43 10.04 -18.46
CA ARG B 402 6.32 10.95 -19.60
C ARG B 402 6.85 12.36 -19.34
N HIS B 403 6.66 12.90 -18.13
CA HIS B 403 6.76 14.34 -17.95
C HIS B 403 8.10 14.82 -17.36
N GLY B 404 9.06 13.91 -17.18
CA GLY B 404 10.41 14.28 -16.77
C GLY B 404 10.40 15.10 -15.50
N ASP B 405 10.71 16.40 -15.63
CA ASP B 405 10.91 17.33 -14.51
C ASP B 405 9.73 18.28 -14.38
N ALA B 406 8.91 18.37 -15.42
CA ALA B 406 7.83 19.33 -15.46
C ALA B 406 6.57 18.75 -14.82
N GLY B 407 6.67 17.54 -14.26
CA GLY B 407 5.55 16.87 -13.62
C GLY B 407 5.06 17.54 -12.33
N GLY B 408 6.01 18.02 -11.52
CA GLY B 408 5.75 18.67 -10.25
C GLY B 408 4.61 19.69 -10.27
N VAL B 409 4.59 20.60 -11.26
CA VAL B 409 3.54 21.61 -11.35
C VAL B 409 2.19 20.97 -11.68
N ARG B 410 2.18 20.00 -12.59
CA ARG B 410 0.98 19.30 -13.02
C ARG B 410 0.35 18.61 -11.82
N GLY B 411 1.17 17.82 -11.12
CA GLY B 411 0.79 17.07 -9.94
C GLY B 411 0.23 17.98 -8.85
N ALA B 412 0.92 19.11 -8.64
CA ALA B 412 0.53 20.07 -7.64
C ALA B 412 -0.87 20.59 -7.99
N ALA B 413 -1.05 20.99 -9.25
CA ALA B 413 -2.32 21.54 -9.70
C ALA B 413 -3.43 20.50 -9.51
N PHE B 414 -3.10 19.25 -9.84
CA PHE B 414 -4.09 18.20 -9.86
C PHE B 414 -4.48 17.75 -8.44
N LEU B 415 -3.75 18.19 -7.39
CA LEU B 415 -4.15 17.90 -6.02
C LEU B 415 -5.59 18.33 -5.79
N ASN B 416 -6.10 19.28 -6.58
CA ASN B 416 -7.39 19.88 -6.33
C ASN B 416 -8.46 19.43 -7.35
N LEU B 417 -8.17 18.42 -8.17
CA LEU B 417 -9.17 17.99 -9.15
C LEU B 417 -10.41 17.43 -8.43
C1 PEG C . -24.86 -7.57 -15.31
O1 PEG C . -23.94 -6.60 -15.74
C2 PEG C . -26.27 -7.07 -15.40
O2 PEG C . -27.18 -8.17 -15.37
C3 PEG C . -27.44 -8.75 -16.64
C4 PEG C . -26.58 -9.98 -16.81
O4 PEG C . -26.94 -10.75 -17.94
PG ANP D . -8.78 -17.02 9.75
O1G ANP D . -8.49 -16.68 8.30
O2G ANP D . -7.72 -16.38 10.58
O3G ANP D . -10.08 -16.38 10.14
PB ANP D . -9.41 -19.54 11.07
O1B ANP D . -10.77 -19.02 11.47
O2B ANP D . -9.24 -21.02 10.88
N3B ANP D . -8.75 -18.64 9.89
PA ANP D . -8.52 -18.34 13.60
O1A ANP D . -8.87 -16.94 13.22
O2A ANP D . -9.36 -19.05 14.62
O3A ANP D . -8.40 -19.21 12.27
O5' ANP D . -7.00 -18.38 14.07
C5' ANP D . -6.36 -19.64 14.33
C4' ANP D . -5.09 -19.36 15.08
O4' ANP D . -5.38 -18.32 16.05
C3' ANP D . -4.51 -20.51 15.89
O3' ANP D . -3.10 -20.37 15.98
C2' ANP D . -5.14 -20.31 17.26
O2' ANP D . -4.33 -20.87 18.26
C1' ANP D . -5.18 -18.79 17.35
N9 ANP D . -6.22 -18.28 18.19
C8 ANP D . -7.58 -18.49 18.08
N7 ANP D . -8.26 -17.89 19.03
C5 ANP D . -7.29 -17.28 19.81
C6 ANP D . -7.37 -16.50 20.98
N6 ANP D . -8.50 -16.21 21.60
N1 ANP D . -6.20 -16.04 21.49
C2 ANP D . -5.06 -16.32 20.85
N3 ANP D . -4.87 -17.07 19.77
C4 ANP D . -6.05 -17.50 19.29
ZN ZN E . 4.02 -16.89 0.74
C1 PGE F . -9.62 4.36 -3.39
O1 PGE F . -10.87 5.07 -3.53
C2 PGE F . -9.76 3.01 -2.69
O2 PGE F . -9.51 1.88 -3.54
C3 PGE F . -10.31 1.83 -4.74
C4 PGE F . -9.77 0.80 -5.70
O4 PGE F . -8.17 -1.95 -7.01
C6 PGE F . -7.71 -0.68 -7.47
C5 PGE F . -7.51 0.35 -6.37
O3 PGE F . -8.59 1.29 -6.35
C1 PGE G . -20.25 7.14 0.57
O1 PGE G . -19.09 6.60 0.00
C2 PGE G . -21.47 6.61 -0.10
O2 PGE G . -22.53 7.56 0.02
C3 PGE G . -23.42 7.30 1.10
C4 PGE G . -23.62 5.82 1.23
O4 PGE G . -24.60 6.26 5.43
C6 PGE G . -24.21 5.09 4.77
C5 PGE G . -23.41 5.37 3.55
O3 PGE G . -24.30 5.55 2.45
C1 EDO H . -11.14 11.82 10.75
O1 EDO H . -11.37 12.58 9.59
C2 EDO H . -12.42 11.43 11.36
O2 EDO H . -12.54 10.05 11.25
C1 EDO I . -7.91 -2.36 22.26
O1 EDO I . -8.37 -3.71 22.34
C2 EDO I . -8.95 -1.35 21.95
O2 EDO I . -9.43 -1.56 20.63
C1 EDO J . -2.62 -17.02 -1.95
O1 EDO J . -1.51 -17.88 -2.12
C2 EDO J . -3.00 -16.44 -3.26
O2 EDO J . -4.35 -16.10 -3.20
C1 PEG K . 10.61 22.04 10.68
O1 PEG K . 11.81 21.28 10.65
C2 PEG K . 10.06 22.19 12.08
O2 PEG K . 8.80 21.54 12.18
C3 PEG K . 8.72 20.64 13.30
C4 PEG K . 7.49 20.95 14.11
O4 PEG K . 6.33 20.25 13.65
PG ANP L . 15.92 13.18 -7.40
O1G ANP L . 16.82 12.26 -6.59
O2G ANP L . 15.20 12.38 -8.46
O3G ANP L . 14.87 13.82 -6.52
PB ANP L . 18.46 14.42 -8.20
O1B ANP L . 19.06 14.52 -6.82
O2B ANP L . 18.88 15.39 -9.26
N3B ANP L . 16.83 14.34 -8.10
PA ANP L . 18.69 12.27 -10.19
O1A ANP L . 17.26 11.84 -10.28
O2A ANP L . 19.28 13.10 -11.29
O3A ANP L . 18.88 12.97 -8.75
O5' ANP L . 19.56 10.97 -9.96
C5' ANP L . 20.90 10.99 -9.43
C4' ANP L . 21.43 9.61 -9.69
O4' ANP L . 20.89 9.15 -10.96
C3' ANP L . 22.94 9.48 -9.79
O3' ANP L . 23.26 8.27 -9.13
C2' ANP L . 23.19 9.46 -11.30
O2' ANP L . 24.33 8.70 -11.66
C1' ANP L . 21.93 8.80 -11.84
N9 ANP L . 21.55 9.19 -13.19
C8 ANP L . 21.27 10.45 -13.68
N7 ANP L . 20.98 10.44 -14.97
C5 ANP L . 21.08 9.10 -15.35
C6 ANP L . 20.91 8.43 -16.58
N6 ANP L . 20.60 9.03 -17.72
N1 ANP L . 21.10 7.09 -16.60
C2 ANP L . 21.42 6.47 -15.45
N3 ANP L . 21.62 7.00 -14.25
C4 ANP L . 21.43 8.33 -14.26
ZN ZN M . 16.12 4.62 5.70
C1 PGE N . 15.57 11.70 5.60
O1 PGE N . 16.85 11.32 6.01
C2 PGE N . 14.51 10.78 6.14
O2 PGE N . 13.31 10.93 5.38
C3 PGE N . 12.15 11.02 6.20
C4 PGE N . 10.95 11.33 5.36
O4 PGE N . 11.67 15.75 6.07
C6 PGE N . 10.70 15.00 5.35
C5 PGE N . 10.54 13.61 5.87
O3 PGE N . 11.06 12.67 4.92
C1 PGE O . -12.01 11.12 -10.69
O1 PGE O . -10.97 10.19 -11.00
C2 PGE O . -11.46 12.36 -10.03
O2 PGE O . -12.28 13.50 -10.31
C3 PGE O . -12.09 14.06 -11.61
C4 PGE O . -12.89 15.33 -11.80
O4 PGE O . -11.19 16.46 -16.03
C6 PGE O . -11.18 16.80 -14.65
C5 PGE O . -12.35 16.21 -13.94
O3 PGE O . -12.12 16.28 -12.54
C1 EDO P . -8.39 2.74 -17.58
O1 EDO P . -8.14 2.82 -18.94
C2 EDO P . -9.42 1.71 -17.30
O2 EDO P . -8.82 0.46 -17.47
C1 EDO Q . -5.33 10.14 2.04
O1 EDO Q . -4.18 10.00 2.87
C2 EDO Q . -5.90 8.98 1.27
O2 EDO Q . -6.50 9.37 0.00
C1 EDO R . -8.04 8.50 -12.70
O1 EDO R . -6.82 9.00 -13.19
C2 EDO R . -7.82 7.14 -12.15
O2 EDO R . -8.95 6.40 -11.66
C1 EDO S . -9.94 8.05 -4.08
O1 EDO S . -9.13 7.55 -2.99
C2 EDO S . -11.41 8.21 -3.90
O2 EDO S . -11.70 9.52 -3.46
C1 EDO T . -6.00 -3.31 -15.55
O1 EDO T . -4.72 -3.89 -15.54
C2 EDO T . -5.88 -1.92 -15.99
O2 EDO T . -6.91 -1.13 -15.46
C1 EDO U . -9.87 26.94 -4.01
O1 EDO U . -10.91 26.19 -3.37
C2 EDO U . -8.56 26.85 -3.31
O2 EDO U . -7.72 25.72 -3.49
#